data_2LI0
#
_entry.id   2LI0
#
loop_
_entity.id
_entity.type
_entity.pdbx_description
1 polymer 'MUC2 Mucin Domain Peptide'
2 non-polymer 2-acetamido-2-deoxy-alpha-D-galactopyranose
#
_entity_poly.entity_id   1
_entity_poly.type   'polypeptide(L)'
_entity_poly.pdbx_seq_one_letter_code
;(ACE)PTTTPLK(NH2)
;
_entity_poly.pdbx_strand_id   A
#
loop_
_chem_comp.id
_chem_comp.type
_chem_comp.name
_chem_comp.formula
A2G D-saccharide, alpha linking 2-acetamido-2-deoxy-alpha-D-galactopyranose 'C8 H15 N O6'
ACE non-polymer 'ACETYL GROUP' 'C2 H4 O'
NH2 non-polymer 'AMINO GROUP' 'H2 N'
#
# COMPACT_ATOMS: atom_id res chain seq x y z
C ACE A 1 5.17 6.46 3.41
O ACE A 1 4.15 6.62 2.73
CH3 ACE A 1 5.07 6.08 4.89
H1 ACE A 1 5.32 6.93 5.50
H2 ACE A 1 5.75 5.27 5.10
H3 ACE A 1 4.05 5.76 5.10
N PRO A 2 6.36 6.59 2.91
CA PRO A 2 6.62 6.96 1.49
C PRO A 2 6.37 5.78 0.55
N THR A 3 5.53 4.85 0.98
CA THR A 3 5.22 3.68 0.16
C THR A 3 3.81 3.18 0.46
N THR A 4 3.44 2.08 -0.18
CA THR A 4 2.11 1.50 0.02
C THR A 4 2.15 -0.02 -0.16
N THR A 5 0.99 -0.65 -0.09
CA THR A 5 0.90 -2.09 -0.25
C THR A 5 -0.43 -2.49 -0.88
N PRO A 6 -0.48 -3.61 -1.54
CA PRO A 6 -1.71 -4.10 -2.20
C PRO A 6 -2.93 -3.99 -1.28
N LEU A 7 -3.45 -2.78 -1.15
CA LEU A 7 -4.61 -2.54 -0.31
C LEU A 7 -5.87 -3.11 -0.94
N LYS A 8 -7.03 -2.68 -0.45
CA LYS A 8 -8.30 -3.16 -0.99
C LYS A 8 -8.63 -2.43 -2.29
N NH2 A 9 -7.70 -2.23 -3.17
HN1 NH2 A 9 -7.91 -1.75 -4.00
HN2 NH2 A 9 -6.81 -2.61 -3.04
O5 A2G B . -0.63 -4.12 2.84
C1 A2G B . -0.91 -2.83 2.33
C2 A2G B . -1.73 -2.07 3.38
N2 A2G B . -2.07 -0.73 2.89
C3 A2G B . -0.93 -1.96 4.68
O3 A2G B . -1.75 -1.38 5.69
C4 A2G B . -0.50 -3.36 5.10
O4 A2G B . -1.64 -4.12 5.45
C5 A2G B . 0.24 -4.03 3.95
C6 A2G B . 0.65 -5.44 4.36
O6 A2G B . 1.70 -5.37 5.31
C7 A2G B . -3.32 -0.29 2.92
O7 A2G B . -4.26 -0.96 3.36
C8 A2G B . -3.54 1.13 2.43
H1 A2G B . -1.49 -2.92 1.43
H2 A2G B . -2.64 -2.61 3.57
HN2 A2G B . -1.36 -0.13 2.59
H3 A2G B . -0.07 -1.35 4.51
HO3 A2G B . -1.17 -1.01 6.36
H4 A2G B . 0.15 -3.29 5.96
HO4 A2G B . -1.98 -3.80 6.29
H5 A2G B . 1.12 -3.45 3.70
H61 A2G B . -0.19 -5.96 4.80
H81 A2G B . -4.27 1.13 1.63
H82 A2G B . -3.92 1.74 3.24
H83 A2G B . -2.61 1.54 2.08
H62 A2G B . 0.99 -5.99 3.49
HO6 A2G B . 1.40 -5.80 6.12
C ACE A 1 3.72 7.62 0.92
O ACE A 1 4.04 7.32 -0.22
CH3 ACE A 1 2.46 8.43 1.21
H1 ACE A 1 1.70 7.78 1.62
H2 ACE A 1 2.11 8.87 0.29
H3 ACE A 1 2.69 9.22 1.92
N PRO A 2 4.44 7.26 1.96
CA PRO A 2 5.69 6.47 1.84
C PRO A 2 5.54 5.30 0.86
N THR A 3 4.72 4.33 1.23
CA THR A 3 4.49 3.16 0.37
C THR A 3 3.10 2.60 0.61
N THR A 4 2.76 1.55 -0.14
CA THR A 4 1.45 0.92 -0.01
C THR A 4 1.54 -0.57 -0.36
N THR A 5 0.45 -1.29 -0.11
CA THR A 5 0.41 -2.72 -0.41
C THR A 5 -1.00 -3.15 -0.76
N PRO A 6 -1.13 -4.25 -1.47
CA PRO A 6 -2.44 -4.79 -1.90
C PRO A 6 -3.47 -4.77 -0.77
N LEU A 7 -3.82 -3.57 -0.32
CA LEU A 7 -4.79 -3.40 0.75
C LEU A 7 -5.24 -1.96 0.87
N LYS A 8 -5.42 -1.30 -0.28
CA LYS A 8 -5.86 0.09 -0.29
C LYS A 8 -7.35 0.19 -0.04
N NH2 A 9 -8.05 -0.90 0.13
HN1 NH2 A 9 -7.60 -1.77 0.12
HN2 NH2 A 9 -9.02 -0.84 0.24
O5 A2G B . -0.40 -4.55 3.11
C1 A2G B . -0.58 -3.28 2.53
C2 A2G B . -1.04 -2.32 3.63
N2 A2G B . -1.30 -1.00 3.06
C3 A2G B . 0.04 -2.23 4.70
O3 A2G B . -0.45 -1.49 5.81
C4 A2G B . 0.42 -3.64 5.16
O4 A2G B . -0.66 -4.22 5.88
C5 A2G B . 0.74 -4.51 3.94
C6 A2G B . 1.09 -5.93 4.38
O6 A2G B . 2.22 -5.88 5.25
C7 A2G B . -2.51 -0.45 3.13
O7 A2G B . -3.47 -0.99 3.67
C8 A2G B . -2.63 0.97 2.57
H1 A2G B . -1.34 -3.35 1.77
H2 A2G B . -1.95 -2.70 4.08
HN2 A2G B . -0.58 -0.51 2.61
H3 A2G B . 0.91 -1.73 4.29
HO3 A2G B . 0.00 -1.79 6.59
H4 A2G B . 1.29 -3.58 5.81
HO4 A2G B . -0.38 -4.37 6.78
H5 A2G B . 1.58 -4.08 3.41
H61 A2G B . 0.25 -6.35 4.91
H81 A2G B . -3.40 0.98 1.82
H82 A2G B . -2.90 1.65 3.37
H83 A2G B . -1.70 1.26 2.14
H62 A2G B . 1.32 -6.53 3.53
HO6 A2G B . 2.02 -5.26 5.96
C ACE A 1 9.83 4.61 1.83
O ACE A 1 9.35 4.85 0.71
CH3 ACE A 1 11.21 5.09 2.21
H1 ACE A 1 11.74 5.42 1.33
H2 ACE A 1 11.75 4.29 2.69
H3 ACE A 1 11.12 5.93 2.91
N PRO A 2 9.16 3.92 2.72
CA PRO A 2 7.80 3.38 2.48
C PRO A 2 6.88 4.40 1.81
N THR A 3 5.73 3.93 1.34
CA THR A 3 4.77 4.81 0.69
C THR A 3 3.35 4.30 0.87
N THR A 4 3.07 3.13 0.30
CA THR A 4 1.74 2.53 0.41
C THR A 4 1.83 1.01 0.35
N THR A 5 0.67 0.37 0.26
CA THR A 5 0.62 -1.09 0.19
C THR A 5 -0.56 -1.55 -0.65
N PRO A 6 -0.47 -2.74 -1.19
CA PRO A 6 -1.54 -3.32 -2.04
C PRO A 6 -2.93 -3.12 -1.43
N LEU A 7 -3.78 -2.38 -2.14
CA LEU A 7 -5.14 -2.12 -1.66
C LEU A 7 -5.99 -3.37 -1.75
N LYS A 8 -6.84 -3.58 -0.74
CA LYS A 8 -7.71 -4.75 -0.72
C LYS A 8 -8.87 -4.53 0.25
N NH2 A 9 -10.08 -4.83 -0.12
HN1 NH2 A 9 -10.24 -5.60 -0.70
HN2 NH2 A 9 -10.84 -4.29 0.19
O5 A2G B . -1.36 -3.00 3.18
C1 A2G B . -1.63 -1.88 2.38
C2 A2G B . -2.79 -1.10 3.02
N2 A2G B . -3.15 0.04 2.19
C3 A2G B . -2.37 -0.63 4.41
O3 A2G B . -3.50 -0.08 5.08
C4 A2G B . -1.83 -1.82 5.21
O4 A2G B . -2.90 -2.72 5.51
C5 A2G B . -0.77 -2.55 4.39
C6 A2G B . -0.25 -3.76 5.16
O6 A2G B . 0.14 -3.35 6.46
C7 A2G B . -4.34 0.12 1.60
O7 A2G B . -5.19 -0.77 1.70
C8 A2G B . -4.62 1.38 0.80
H1 A2G B . -1.93 -2.20 1.39
H2 A2G B . -3.65 -1.76 3.10
HN2 A2G B . -2.51 0.78 2.07
H3 A2G B . -1.61 0.12 4.33
HO3 A2G B . -3.29 0.82 5.30
H4 A2G B . -1.40 -1.47 6.13
HO4 A2G B . -3.70 -2.20 5.61
H5 A2G B . 0.04 -1.87 4.17
H61 A2G B . -1.04 -4.50 5.24
H81 A2G B . -4.83 1.13 -0.23
H82 A2G B . -5.48 1.90 1.22
H83 A2G B . -3.76 2.03 0.85
H62 A2G B . 0.59 -4.19 4.64
HO6 A2G B . -0.53 -3.65 7.08
C ACE A 1 5.83 6.29 3.72
O ACE A 1 5.73 6.97 2.71
CH3 ACE A 1 4.84 6.46 4.89
H1 ACE A 1 4.16 5.62 4.91
H2 ACE A 1 4.30 7.38 4.76
H3 ACE A 1 5.40 6.50 5.82
N PRO A 2 6.76 5.38 3.87
CA PRO A 2 7.79 5.10 2.83
C PRO A 2 7.16 5.01 1.44
N THR A 3 6.15 4.16 1.29
CA THR A 3 5.48 4.00 0.00
C THR A 3 4.03 3.58 0.20
N THR A 4 3.66 2.44 -0.36
CA THR A 4 2.29 1.94 -0.23
C THR A 4 2.27 0.43 -0.29
N THR A 5 1.07 -0.15 -0.19
CA THR A 5 0.92 -1.60 -0.23
C THR A 5 -0.41 -1.99 -0.88
N PRO A 6 -0.49 -3.17 -1.42
CA PRO A 6 -1.71 -3.68 -2.08
C PRO A 6 -2.97 -3.38 -1.27
N LEU A 7 -3.75 -2.42 -1.74
CA LEU A 7 -4.98 -2.05 -1.05
C LEU A 7 -6.05 -3.13 -1.21
N LYS A 8 -7.16 -2.98 -0.50
CA LYS A 8 -8.24 -3.94 -0.58
C LYS A 8 -9.55 -3.33 -0.06
N NH2 A 9 -9.52 -2.50 0.94
HN1 NH2 A 9 -8.91 -2.66 1.70
HN2 NH2 A 9 -10.12 -1.73 0.96
O5 A2G B . -0.71 -3.30 3.06
C1 A2G B . -1.00 -2.15 2.31
C2 A2G B . -1.94 -1.26 3.15
N2 A2G B . -2.32 -0.07 2.39
C3 A2G B . -1.23 -0.86 4.44
O3 A2G B . -2.15 -0.20 5.30
C4 A2G B . -0.68 -2.11 5.13
O4 A2G B . -1.77 -2.89 5.62
C5 A2G B . 0.13 -2.93 4.14
C6 A2G B . 0.64 -4.20 4.82
O6 A2G B . 1.45 -3.86 5.93
C7 A2G B . -3.59 0.21 2.14
O7 A2G B . -4.52 -0.51 2.51
C8 A2G B . -3.86 1.47 1.33
H1 A2G B . -1.50 -2.42 1.40
H2 A2G B . -2.83 -1.82 3.39
HN2 A2G B . -1.62 0.53 2.06
H3 A2G B . -0.42 -0.19 4.21
HO3 A2G B . -2.98 -0.69 5.28
H4 A2G B . -0.06 -1.82 5.97
HO4 A2G B . -2.11 -2.47 6.41
H5 A2G B . 0.96 -2.35 3.78
H61 A2G B . -0.20 -4.80 5.15
H81 A2G B . -4.38 1.20 0.42
H82 A2G B . -4.47 2.14 1.90
H83 A2G B . -2.92 1.94 1.08
H62 A2G B . 1.23 -4.77 4.12
HO6 A2G B . 0.90 -3.35 6.54
C ACE A 1 7.49 6.98 1.06
O ACE A 1 7.06 6.99 2.21
CH3 ACE A 1 8.91 7.45 0.74
H1 ACE A 1 8.90 8.12 -0.10
H2 ACE A 1 9.53 6.60 0.52
H3 ACE A 1 9.31 7.97 1.61
N PRO A 2 6.77 6.58 0.04
CA PRO A 2 5.37 6.11 0.19
C PRO A 2 5.20 5.16 1.37
N THR A 3 3.97 4.81 1.68
CA THR A 3 3.69 3.89 2.79
C THR A 3 2.41 3.11 2.53
N THR A 4 2.44 2.24 1.52
CA THR A 4 1.27 1.44 1.18
C THR A 4 1.70 0.10 0.58
N THR A 5 0.74 -0.80 0.40
CA THR A 5 1.02 -2.11 -0.17
C THR A 5 -0.18 -2.63 -0.95
N PRO A 6 0.05 -3.56 -1.83
CA PRO A 6 -1.02 -4.16 -2.68
C PRO A 6 -2.28 -4.47 -1.87
N LEU A 7 -3.14 -3.48 -1.70
CA LEU A 7 -4.38 -3.66 -0.96
C LEU A 7 -5.31 -2.47 -1.16
N LYS A 8 -6.42 -2.47 -0.43
CA LYS A 8 -7.39 -1.38 -0.54
C LYS A 8 -8.28 -1.34 0.69
N NH2 A 9 -8.80 -2.45 1.15
HN1 NH2 A 9 -9.71 -2.46 1.50
HN2 NH2 A 9 -8.26 -3.27 1.15
O5 A2G B . 0.14 -4.88 2.79
C1 A2G B . -0.35 -3.64 2.35
C2 A2G B . -1.27 -3.06 3.43
N2 A2G B . -1.82 -1.79 2.99
C3 A2G B . -0.48 -2.88 4.73
O3 A2G B . -1.37 -2.55 5.78
C4 A2G B . 0.26 -4.17 5.07
O4 A2G B . -0.68 -5.16 5.46
C5 A2G B . 1.05 -4.67 3.85
C6 A2G B . 1.74 -5.98 4.18
O6 A2G B . 2.49 -5.83 5.38
C7 A2G B . -3.14 -1.59 2.96
O7 A2G B . -3.95 -2.44 3.29
C8 A2G B . -3.59 -0.21 2.49
H1 A2G B . -0.92 -3.78 1.44
H2 A2G B . -2.08 -3.75 3.61
HN2 A2G B . -1.22 -1.07 2.72
H3 A2G B . 0.23 -2.07 4.60
HO3 A2G B . -0.85 -2.26 6.54
H4 A2G B . 0.95 -3.98 5.89
HO4 A2G B . -0.29 -5.68 6.17
H5 A2G B . 1.77 -3.92 3.56
H61 A2G B . 1.01 -6.76 4.32
H81 A2G B . -4.30 -0.32 1.67
H82 A2G B . -4.08 0.30 3.31
H83 A2G B . -2.74 0.36 2.16
H62 A2G B . 2.40 -6.25 3.37
HO6 A2G B . 2.79 -6.69 5.66
C ACE A 1 5.85 1.10 1.48
O ACE A 1 4.84 1.63 1.94
CH3 ACE A 1 5.75 -0.09 0.53
H1 ACE A 1 5.98 0.23 -0.48
H2 ACE A 1 4.74 -0.49 0.56
H3 ACE A 1 6.44 -0.86 0.84
N PRO A 2 7.05 1.53 1.77
CA PRO A 2 7.30 2.68 2.68
C PRO A 2 6.38 3.85 2.38
N THR A 3 5.95 3.97 1.13
CA THR A 3 5.06 5.05 0.73
C THR A 3 3.60 4.65 0.93
N THR A 4 3.19 3.56 0.29
CA THR A 4 1.82 3.08 0.40
C THR A 4 1.77 1.57 0.22
N THR A 5 0.57 1.01 0.28
CA THR A 5 0.39 -0.43 0.13
C THR A 5 -0.93 -0.75 -0.56
N PRO A 6 -1.02 -1.88 -1.18
CA PRO A 6 -2.24 -2.32 -1.92
C PRO A 6 -3.51 -2.04 -1.13
N LEU A 7 -4.66 -2.35 -1.73
CA LEU A 7 -5.95 -2.13 -1.07
C LEU A 7 -6.15 -3.13 0.06
N LYS A 8 -5.06 -3.74 0.51
CA LYS A 8 -5.14 -4.72 1.58
C LYS A 8 -3.77 -4.93 2.22
N NH2 A 9 -3.28 -4.02 3.02
HN1 NH2 A 9 -2.62 -3.37 2.69
HN2 NH2 A 9 -3.56 -4.00 3.96
O5 A2G B . -1.17 -2.61 3.28
C1 A2G B . -1.62 -1.57 2.46
C2 A2G B . -2.85 -0.91 3.11
N2 A2G B . -3.37 0.14 2.26
C3 A2G B . -2.43 -0.35 4.47
O3 A2G B . -3.59 0.08 5.17
C4 A2G B . -1.72 -1.43 5.29
O4 A2G B . -2.66 -2.44 5.65
C5 A2G B . -0.61 -2.05 4.45
C6 A2G B . 0.08 -3.16 5.25
O6 A2G B . 0.46 -2.67 6.52
C7 A2G B . -4.58 0.05 1.71
O7 A2G B . -5.31 -0.92 1.89
C8 A2G B . -5.03 1.24 0.87
H1 A2G B . -1.90 -1.95 1.49
H2 A2G B . -3.60 -1.67 3.26
HN2 A2G B . -2.82 0.94 2.09
H3 A2G B . -1.76 0.49 4.33
HO3 A2G B . -4.19 0.48 4.53
H4 A2G B . -1.31 -0.99 6.18
HO4 A2G B . -3.08 -2.75 4.85
H5 A2G B . 0.12 -1.29 4.18
H61 A2G B . -0.60 -3.99 5.36
H81 A2G B . -5.22 0.91 -0.14
H82 A2G B . -5.94 1.65 1.29
H83 A2G B . -4.25 1.99 0.87
H62 A2G B . 0.96 -3.49 4.71
HO6 A2G B . 1.41 -2.56 6.52
C ACE A 1 9.53 6.71 0.86
O ACE A 1 9.69 5.56 1.24
CH3 ACE A 1 10.68 7.49 0.21
H1 ACE A 1 10.50 7.57 -0.86
H2 ACE A 1 11.61 6.97 0.37
H3 ACE A 1 10.74 8.48 0.63
N PRO A 2 8.39 7.34 0.98
CA PRO A 2 7.19 6.71 1.59
C PRO A 2 6.97 5.29 1.09
N THR A 3 6.04 4.58 1.73
CA THR A 3 5.74 3.21 1.35
C THR A 3 4.30 2.87 1.68
N THR A 4 3.72 1.94 0.91
CA THR A 4 2.34 1.53 1.13
C THR A 4 2.13 0.08 0.70
N THR A 5 0.87 -0.34 0.63
CA THR A 5 0.55 -1.71 0.23
C THR A 5 -0.79 -1.76 -0.52
N PRO A 6 -0.97 -2.75 -1.34
CA PRO A 6 -2.21 -2.93 -2.14
C PRO A 6 -3.46 -2.60 -1.34
N LEU A 7 -4.28 -1.71 -1.87
CA LEU A 7 -5.52 -1.32 -1.20
C LEU A 7 -6.56 -2.44 -1.26
N LYS A 8 -6.57 -3.28 -0.23
CA LYS A 8 -7.51 -4.39 -0.19
C LYS A 8 -8.88 -3.91 0.25
N NH2 A 9 -9.03 -3.28 1.39
HN1 NH2 A 9 -9.87 -3.34 1.88
HN2 NH2 A 9 -8.28 -2.76 1.75
O5 A2G B . -1.44 -4.11 2.89
C1 A2G B . -1.64 -2.80 2.40
C2 A2G B . -2.63 -2.09 3.31
N2 A2G B . -2.91 -0.75 2.81
C3 A2G B . -2.05 -2.00 4.72
O3 A2G B . -3.02 -1.50 5.62
C4 A2G B . -1.60 -3.40 5.17
O4 A2G B . -2.74 -4.22 5.38
C5 A2G B . -0.72 -4.03 4.09
C6 A2G B . -0.30 -5.44 4.52
O6 A2G B . 0.41 -5.38 5.74
C7 A2G B . -4.16 -0.38 2.51
O7 A2G B . -5.13 -1.12 2.65
C8 A2G B . -4.33 1.05 1.99
H1 A2G B . -2.04 -2.84 1.40
H2 A2G B . -3.55 -2.66 3.35
HN2 A2G B . -2.18 -0.12 2.68
H3 A2G B . -1.19 -1.34 4.72
HO3 A2G B . -3.12 -0.56 5.46
H4 A2G B . -1.04 -3.32 6.09
HO4 A2G B . -3.34 -4.07 4.65
H5 A2G B . 0.16 -3.42 3.95
H61 A2G B . -1.19 -6.04 4.66
H81 A2G B . -4.76 1.01 1.00
H82 A2G B . -4.97 1.60 2.66
H83 A2G B . -3.36 1.52 1.94
H62 A2G B . 0.31 -5.88 3.76
HO6 A2G B . -0.10 -4.87 6.36
C ACE A 1 5.49 7.88 1.00
O ACE A 1 6.32 6.98 0.83
CH3 ACE A 1 5.61 9.20 0.24
H1 ACE A 1 4.86 9.23 -0.53
H2 ACE A 1 6.59 9.27 -0.21
H3 ACE A 1 5.47 10.02 0.92
N PRO A 2 4.49 7.76 1.82
CA PRO A 2 4.25 6.54 2.64
C PRO A 2 4.42 5.27 1.81
N THR A 3 4.31 4.11 2.48
CA THR A 3 4.46 2.83 1.79
C THR A 3 3.10 2.36 1.26
N THR A 4 3.14 1.38 0.37
CA THR A 4 1.92 0.85 -0.21
C THR A 4 2.10 -0.62 -0.59
N THR A 5 1.01 -1.39 -0.52
CA THR A 5 1.06 -2.80 -0.86
C THR A 5 -0.27 -3.27 -1.42
N PRO A 6 -0.26 -4.35 -2.16
CA PRO A 6 -1.49 -4.92 -2.78
C PRO A 6 -2.67 -4.94 -1.81
N LEU A 7 -3.27 -3.77 -1.58
CA LEU A 7 -4.40 -3.67 -0.67
C LEU A 7 -5.08 -2.31 -0.81
N LYS A 8 -5.56 -1.80 0.31
CA LYS A 8 -6.23 -0.49 0.32
C LYS A 8 -6.28 0.09 1.72
N NH2 A 9 -7.38 0.63 2.16
HN1 NH2 A 9 -8.24 0.17 2.06
HN2 NH2 A 9 -7.35 1.52 2.58
O5 A2G B . -0.12 -4.77 2.48
C1 A2G B . -0.29 -3.49 1.91
C2 A2G B . -0.92 -2.58 2.96
N2 A2G B . -1.15 -1.25 2.39
C3 A2G B . 0.02 -2.47 4.16
O3 A2G B . -0.63 -1.78 5.22
C4 A2G B . 0.39 -3.88 4.64
O4 A2G B . -0.75 -4.51 5.20
C5 A2G B . 0.89 -4.70 3.46
C6 A2G B . 1.24 -6.12 3.91
O6 A2G B . 2.28 -6.08 4.87
C7 A2G B . -2.38 -0.72 2.36
O7 A2G B . -3.36 -1.31 2.79
C8 A2G B . -2.50 0.63 1.67
H1 A2G B . -0.94 -3.56 1.06
H2 A2G B . -1.86 -3.00 3.28
HN2 A2G B . -0.40 -0.74 2.04
H3 A2G B . 0.92 -1.94 3.88
HO3 A2G B . -0.20 -0.92 5.32
H4 A2G B . 1.17 -3.81 5.39
HO4 A2G B . -1.37 -3.82 5.47
H5 A2G B . 1.78 -4.24 3.03
H61 A2G B . 0.36 -6.58 4.36
H81 A2G B . -3.25 0.57 0.90
H82 A2G B . -2.79 1.38 2.41
H83 A2G B . -1.54 0.91 1.24
H62 A2G B . 1.55 -6.71 3.06
HO6 A2G B . 2.66 -6.94 4.93
C ACE A 1 4.52 3.82 -1.40
O ACE A 1 4.41 2.70 -0.88
CH3 ACE A 1 3.62 4.24 -2.55
H1 ACE A 1 2.88 4.94 -2.20
H2 ACE A 1 3.12 3.37 -2.96
H3 ACE A 1 4.22 4.70 -3.33
N PRO A 2 5.39 4.69 -0.99
CA PRO A 2 6.34 4.43 0.13
C PRO A 2 5.66 3.76 1.32
N THR A 3 4.80 4.52 2.01
CA THR A 3 4.08 3.98 3.16
C THR A 3 2.77 3.33 2.72
N THR A 4 2.85 2.46 1.72
CA THR A 4 1.66 1.78 1.21
C THR A 4 2.04 0.42 0.65
N THR A 5 1.03 -0.42 0.45
CA THR A 5 1.26 -1.76 -0.10
C THR A 5 0.06 -2.23 -0.92
N PRO A 6 0.26 -3.18 -1.78
CA PRO A 6 -0.81 -3.73 -2.66
C PRO A 6 -2.11 -3.95 -1.90
N LEU A 7 -2.93 -2.91 -1.82
CA LEU A 7 -4.22 -3.01 -1.13
C LEU A 7 -5.10 -1.81 -1.45
N LYS A 8 -6.19 -1.68 -0.71
CA LYS A 8 -7.11 -0.56 -0.92
C LYS A 8 -6.56 0.71 -0.27
N NH2 A 9 -5.32 1.06 -0.48
HN1 NH2 A 9 -4.84 0.71 -1.26
HN2 NH2 A 9 -4.88 1.69 0.11
O5 A2G B . -0.06 -4.39 2.79
C1 A2G B . -0.36 -3.10 2.32
C2 A2G B . -1.29 -2.42 3.33
N2 A2G B . -1.66 -1.10 2.85
C3 A2G B . -0.57 -2.30 4.67
O3 A2G B . -1.48 -1.85 5.66
C4 A2G B . -0.02 -3.67 5.08
O4 A2G B . -1.11 -4.54 5.39
C5 A2G B . 0.78 -4.27 3.92
C6 A2G B . 1.29 -5.66 4.30
O6 A2G B . 2.12 -5.56 5.46
C7 A2G B . -2.95 -0.76 2.72
O7 A2G B . -3.88 -1.51 3.00
C8 A2G B . -3.21 0.66 2.22
H1 A2G B . -0.86 -3.17 1.36
H2 A2G B . -2.18 -3.01 3.45
HN2 A2G B . -0.97 -0.45 2.62
H3 A2G B . 0.25 -1.60 4.58
HO3 A2G B . -2.29 -1.62 5.22
H4 A2G B . 0.62 -3.57 5.94
HO4 A2G B . -1.90 -4.17 5.01
H5 A2G B . 1.62 -3.62 3.69
H61 A2G B . 0.46 -6.31 4.52
H81 A2G B . -3.70 0.61 1.25
H82 A2G B . -3.85 1.18 2.92
H83 A2G B . -2.28 1.19 2.12
H62 A2G B . 1.87 -6.06 3.48
HO6 A2G B . 1.57 -5.29 6.19
C ACE A 1 7.04 3.54 1.77
O ACE A 1 6.59 4.17 2.73
CH3 ACE A 1 8.36 2.79 1.89
H1 ACE A 1 8.17 1.73 1.94
H2 ACE A 1 8.88 3.11 2.78
H3 ACE A 1 8.97 3.02 1.03
N PRO A 2 6.42 3.49 0.62
CA PRO A 2 5.12 4.17 0.36
C PRO A 2 4.13 3.97 1.52
N THR A 3 3.11 4.82 1.57
CA THR A 3 2.10 4.72 2.62
C THR A 3 0.98 3.79 2.19
N THR A 4 1.27 2.92 1.24
CA THR A 4 0.27 1.96 0.76
C THR A 4 0.94 0.69 0.26
N THR A 5 0.16 -0.39 0.20
CA THR A 5 0.69 -1.67 -0.25
C THR A 5 -0.39 -2.49 -0.95
N PRO A 6 0.00 -3.43 -1.77
CA PRO A 6 -0.95 -4.29 -2.52
C PRO A 6 -2.10 -4.78 -1.64
N LEU A 7 -3.06 -3.91 -1.39
CA LEU A 7 -4.22 -4.28 -0.57
C LEU A 7 -5.30 -3.22 -0.69
N LYS A 8 -5.17 -2.33 -1.67
CA LYS A 8 -6.15 -1.28 -1.87
C LYS A 8 -6.04 -0.70 -3.28
N NH2 A 9 -7.12 -0.41 -3.95
HN1 NH2 A 9 -7.82 0.15 -3.54
HN2 NH2 A 9 -7.25 -0.76 -4.85
O5 A2G B . 0.32 -4.17 3.01
C1 A2G B . -0.34 -3.03 2.49
C2 A2G B . -1.24 -2.45 3.58
N2 A2G B . -1.97 -1.30 3.07
C3 A2G B . -0.38 -2.04 4.78
O3 A2G B . -1.21 -1.67 5.87
C4 A2G B . 0.52 -3.21 5.19
O4 A2G B . -0.29 -4.25 5.74
C5 A2G B . 1.26 -3.75 3.96
C6 A2G B . 2.12 -4.94 4.36
O6 A2G B . 2.81 -4.65 5.56
C7 A2G B . -3.29 -1.32 2.96
O7 A2G B . -3.98 -2.29 3.27
C8 A2G B . -3.95 -0.03 2.48
H1 A2G B . -0.95 -3.31 1.64
H2 A2G B . -1.94 -3.21 3.89
HN2 A2G B . -1.48 -0.49 2.81
H3 A2G B . 0.24 -1.20 4.50
HO3 A2G B . -1.63 -0.84 5.65
H4 A2G B . 1.23 -2.88 5.92
HO4 A2G B . -1.08 -3.85 6.11
H5 A2G B . 1.88 -2.96 3.54
H61 A2G B . 1.49 -5.81 4.51
H81 A2G B . -4.38 -0.17 1.50
H82 A2G B . -4.74 0.26 3.18
H83 A2G B . -3.21 0.76 2.45
H62 A2G B . 2.84 -5.15 3.58
HO6 A2G B . 2.16 -4.45 6.24
C ACE A 1 7.60 4.12 -1.89
O ACE A 1 8.21 3.49 -1.04
CH3 ACE A 1 7.82 3.84 -3.38
H1 ACE A 1 6.97 3.31 -3.77
H2 ACE A 1 8.71 3.25 -3.50
H3 ACE A 1 7.93 4.78 -3.90
N PRO A 2 6.73 5.05 -1.58
CA PRO A 2 6.42 5.43 -0.18
C PRO A 2 6.22 4.20 0.71
N THR A 3 6.03 4.44 2.01
CA THR A 3 5.83 3.36 2.96
C THR A 3 4.35 3.00 3.05
N THR A 4 3.88 2.19 2.10
CA THR A 4 2.47 1.78 2.09
C THR A 4 2.33 0.41 1.45
N THR A 5 1.09 -0.03 1.27
CA THR A 5 0.82 -1.33 0.67
C THR A 5 -0.47 -1.29 -0.13
N PRO A 6 -0.60 -2.17 -1.10
CA PRO A 6 -1.81 -2.25 -1.97
C PRO A 6 -3.10 -2.13 -1.17
N LEU A 7 -3.97 -1.23 -1.60
CA LEU A 7 -5.25 -1.02 -0.91
C LEU A 7 -6.19 -2.19 -1.17
N LYS A 8 -6.86 -2.64 -0.12
CA LYS A 8 -7.79 -3.75 -0.24
C LYS A 8 -8.76 -3.79 0.94
N NH2 A 9 -8.93 -2.71 1.65
HN1 NH2 A 9 -8.58 -1.85 1.34
HN2 NH2 A 9 -9.42 -2.75 2.49
O5 A2G B . -1.15 -4.13 2.91
C1 A2G B . -1.40 -2.79 2.54
C2 A2G B . -2.49 -2.24 3.46
N2 A2G B . -2.81 -0.87 3.10
C3 A2G B . -2.00 -2.29 4.92
O3 A2G B . -3.06 -1.97 5.79
C4 A2G B . -1.50 -3.71 5.23
O4 A2G B . -2.60 -4.61 5.25
C5 A2G B . -0.50 -4.15 4.15
C6 A2G B . -0.03 -5.57 4.44
O6 A2G B . 1.28 -5.54 5.00
C7 A2G B . -4.06 -0.51 2.80
O7 A2G B . -5.00 -1.29 2.83
C8 A2G B . -4.28 0.96 2.49
H1 A2G B . -1.74 -2.74 1.52
H2 A2G B . -3.38 -2.85 3.37
HN2 A2G B . -2.10 -0.20 3.06
H3 A2G B . -1.19 -1.59 5.04
HO3 A2G B . -2.90 -2.39 6.63
H4 A2G B . -1.01 -3.71 6.20
HO4 A2G B . -2.39 -5.35 4.69
H5 A2G B . 0.34 -3.47 4.15
H61 A2G B . -0.70 -6.04 5.15
H81 A2G B . -5.08 1.07 1.78
H82 A2G B . -4.54 1.49 3.40
H83 A2G B . -3.37 1.39 2.08
H62 A2G B . -0.02 -6.14 3.52
HO6 A2G B . 1.89 -5.89 4.34
C ACE A 1 8.66 4.95 -0.09
O ACE A 1 8.00 5.97 0.15
CH3 ACE A 1 10.19 5.01 -0.14
H1 ACE A 1 10.52 4.96 -1.17
H2 ACE A 1 10.59 4.17 0.41
H3 ACE A 1 10.54 5.93 0.30
N PRO A 2 8.10 3.81 -0.32
CA PRO A 2 6.63 3.61 -0.30
C PRO A 2 6.07 3.58 1.11
N THR A 3 5.39 4.66 1.49
CA THR A 3 4.80 4.75 2.82
C THR A 3 3.40 4.17 2.84
N THR A 4 3.14 3.23 1.94
CA THR A 4 1.83 2.60 1.86
C THR A 4 1.96 1.17 1.33
N THR A 5 0.82 0.51 1.13
CA THR A 5 0.81 -0.85 0.64
C THR A 5 -0.42 -1.11 -0.22
N PRO A 6 -0.35 -2.07 -1.10
CA PRO A 6 -1.47 -2.43 -2.01
C PRO A 6 -2.80 -2.50 -1.27
N LEU A 7 -3.73 -1.63 -1.67
CA LEU A 7 -5.05 -1.60 -1.03
C LEU A 7 -5.88 -2.81 -1.45
N LYS A 8 -7.07 -2.92 -0.90
CA LYS A 8 -7.96 -4.04 -1.22
C LYS A 8 -9.40 -3.71 -0.84
N NH2 A 9 -10.36 -4.01 -1.68
HN1 NH2 A 9 -10.61 -4.94 -1.82
HN2 NH2 A 9 -10.85 -3.29 -2.14
O5 A2G B . -0.84 -3.69 3.03
C1 A2G B . -1.24 -2.41 2.62
C2 A2G B . -2.37 -1.95 3.53
N2 A2G B . -2.85 -0.63 3.13
C3 A2G B . -1.88 -1.91 4.99
O3 A2G B . -3.00 -1.69 5.85
C4 A2G B . -1.22 -3.24 5.34
O4 A2G B . -2.21 -4.26 5.40
C5 A2G B . -0.18 -3.59 4.27
C6 A2G B . 0.45 -4.95 4.61
O6 A2G B . 0.43 -5.16 6.02
C7 A2G B . -4.12 -0.41 2.84
O7 A2G B . -4.98 -1.29 2.91
C8 A2G B . -4.48 1.01 2.41
H1 A2G B . -1.59 -2.45 1.60
H2 A2G B . -3.19 -2.65 3.46
HN2 A2G B . -2.20 0.11 3.07
H3 A2G B . -1.18 -1.10 5.10
HO3 A2G B . -3.79 -1.70 5.32
H4 A2G B . -0.74 -3.15 6.31
HO4 A2G B . -3.06 -3.84 5.58
H5 A2G B . 0.58 -2.83 4.23
H61 A2G B . -0.10 -5.73 4.12
H81 A2G B . -4.67 1.02 1.34
H82 A2G B . -5.37 1.33 2.93
H83 A2G B . -3.66 1.67 2.63
H62 A2G B . 1.48 -4.96 4.27
HO6 A2G B . -0.47 -4.97 6.33
C ACE A 1 6.28 1.17 0.97
O ACE A 1 5.82 0.89 2.08
CH3 ACE A 1 5.93 0.34 -0.26
H1 ACE A 1 5.68 0.98 -1.08
H2 ACE A 1 5.09 -0.30 -0.04
H3 ACE A 1 6.78 -0.28 -0.53
N PRO A 2 7.09 2.17 0.79
CA PRO A 2 7.52 3.08 1.89
C PRO A 2 6.42 4.06 2.30
N THR A 3 5.70 4.58 1.30
CA THR A 3 4.63 5.53 1.56
C THR A 3 3.31 4.80 1.79
N THR A 4 3.10 3.73 1.04
CA THR A 4 1.87 2.95 1.17
C THR A 4 2.13 1.49 0.80
N THR A 5 1.06 0.72 0.71
CA THR A 5 1.16 -0.70 0.38
C THR A 5 -0.06 -1.15 -0.40
N PRO A 6 0.09 -2.20 -1.17
CA PRO A 6 -1.02 -2.76 -2.00
C PRO A 6 -2.33 -2.87 -1.21
N LEU A 7 -3.32 -2.07 -1.61
CA LEU A 7 -4.62 -2.06 -0.94
C LEU A 7 -5.40 -3.34 -1.27
N LYS A 8 -6.43 -3.62 -0.47
CA LYS A 8 -7.25 -4.82 -0.69
C LYS A 8 -8.24 -4.58 -1.82
N NH2 A 9 -9.04 -5.54 -2.18
HN1 NH2 A 9 -9.76 -5.83 -1.58
HN2 NH2 A 9 -8.94 -5.96 -3.05
O5 A2G B . -0.16 -3.34 3.15
C1 A2G B . -0.68 -2.15 2.61
C2 A2G B . -1.80 -1.66 3.53
N2 A2G B . -2.40 -0.44 3.00
C3 A2G B . -1.24 -1.39 4.93
O3 A2G B . -2.30 -1.13 5.82
C4 A2G B . -0.47 -2.62 5.40
O4 A2G B . -1.37 -3.69 5.65
C5 A2G B . 0.54 -3.05 4.33
C6 A2G B . 1.29 -4.30 4.79
O6 A2G B . 1.68 -4.15 6.16
C7 A2G B . -3.69 -0.39 2.68
O7 A2G B . -4.45 -1.34 2.83
C8 A2G B . -4.20 0.95 2.16
H1 A2G B . -1.07 -2.32 1.62
H2 A2G B . -2.56 -2.42 3.59
HN2 A2G B . -1.84 0.36 2.86
H3 A2G B . -0.57 -0.55 4.89
HO3 A2G B . -3.07 -1.64 5.55
H4 A2G B . 0.06 -2.39 6.32
HO4 A2G B . -1.04 -4.21 6.38
H5 A2G B . 1.24 -2.24 4.16
H61 A2G B . 0.64 -5.16 4.70
H81 A2G B . -4.36 0.88 1.10
H82 A2G B . -5.13 1.20 2.65
H83 A2G B . -3.48 1.72 2.36
H62 A2G B . 2.16 -4.44 4.18
HO6 A2G B . 2.08 -3.29 6.25
C ACE A 1 6.54 7.05 2.85
O ACE A 1 6.61 5.92 3.33
CH3 ACE A 1 7.75 7.97 2.84
H1 ACE A 1 8.16 8.03 1.85
H2 ACE A 1 8.49 7.59 3.52
H3 ACE A 1 7.45 8.96 3.16
N PRO A 2 5.44 7.50 2.30
CA PRO A 2 4.18 6.70 2.23
C PRO A 2 4.44 5.27 1.78
N THR A 3 3.42 4.42 1.91
CA THR A 3 3.55 3.03 1.52
C THR A 3 2.20 2.47 1.09
N THR A 4 2.23 1.48 0.19
CA THR A 4 1.00 0.88 -0.29
C THR A 4 1.24 -0.59 -0.67
N THR A 5 0.24 -1.43 -0.46
CA THR A 5 0.35 -2.85 -0.78
C THR A 5 -1.01 -3.41 -1.18
N PRO A 6 -1.01 -4.50 -1.89
CA PRO A 6 -2.25 -5.17 -2.35
C PRO A 6 -3.30 -5.26 -1.25
N LEU A 7 -3.86 -4.11 -0.89
CA LEU A 7 -4.88 -4.07 0.17
C LEU A 7 -5.58 -2.72 0.18
N LYS A 8 -5.10 -1.80 -0.66
CA LYS A 8 -5.69 -0.47 -0.73
C LYS A 8 -6.98 -0.49 -1.54
N NH2 A 9 -7.00 -1.09 -2.70
HN1 NH2 A 9 -6.38 -1.82 -2.88
HN2 NH2 A 9 -7.64 -0.81 -3.38
O5 A2G B . -0.25 -4.85 2.72
C1 A2G B . -0.61 -3.61 2.13
C2 A2G B . -1.22 -2.73 3.23
N2 A2G B . -1.64 -1.45 2.66
C3 A2G B . -0.16 -2.49 4.31
O3 A2G B . -0.78 -1.82 5.41
C4 A2G B . 0.40 -3.83 4.78
O4 A2G B . -0.60 -4.55 5.48
C5 A2G B . 0.86 -4.63 3.56
C6 A2G B . 1.39 -6.00 4.02
O6 A2G B . 2.74 -5.86 4.44
C7 A2G B . -2.89 -1.03 2.80
O7 A2G B . -3.75 -1.66 3.41
C8 A2G B . -3.20 0.36 2.23
H1 A2G B . -1.34 -3.78 1.36
H2 A2G B . -2.07 -3.23 3.66
HN2 A2G B . -1.00 -0.91 2.15
H3 A2G B . 0.63 -1.87 3.91
HO3 A2G B . -1.71 -1.69 5.20
H4 A2G B . 1.25 -3.65 5.43
HO4 A2G B . -1.43 -4.09 5.36
H5 A2G B . 1.63 -4.10 3.03
H61 A2G B . 0.79 -6.36 4.83
H81 A2G B . -4.24 0.39 1.92
H82 A2G B . -3.04 1.10 3.00
H83 A2G B . -2.56 0.55 1.39
H62 A2G B . 1.35 -6.70 3.19
HO6 A2G B . 2.97 -4.92 4.40
C ACE A 1 5.28 1.95 1.47
O ACE A 1 4.04 1.92 1.44
CH3 ACE A 1 6.11 1.05 0.57
H1 ACE A 1 6.89 0.59 1.15
H2 ACE A 1 6.55 1.63 -0.22
H3 ACE A 1 5.48 0.28 0.15
N PRO A 2 5.93 2.75 2.28
CA PRO A 2 5.25 3.69 3.21
C PRO A 2 4.10 4.43 2.55
N THR A 3 4.07 4.40 1.22
CA THR A 3 3.01 5.07 0.46
C THR A 3 1.83 4.14 0.26
N THR A 4 2.09 2.99 -0.35
CA THR A 4 1.03 2.01 -0.61
C THR A 4 1.60 0.59 -0.60
N THR A 5 0.73 -0.38 -0.38
CA THR A 5 1.16 -1.78 -0.35
C THR A 5 0.03 -2.69 -0.82
N PRO A 6 0.37 -3.87 -1.28
CA PRO A 6 -0.62 -4.87 -1.77
C PRO A 6 -1.82 -4.98 -0.85
N LEU A 7 -2.74 -4.01 -0.95
CA LEU A 7 -3.94 -4.02 -0.12
C LEU A 7 -4.94 -2.99 -0.62
N LYS A 8 -5.68 -2.38 0.31
CA LYS A 8 -6.67 -1.38 -0.06
C LYS A 8 -7.04 -0.52 1.15
N NH2 A 9 -6.72 -0.94 2.35
HN1 NH2 A 9 -6.46 -0.29 3.04
HN2 NH2 A 9 -6.76 -1.90 2.57
O5 A2G B . 0.15 -3.18 3.32
C1 A2G B . -0.25 -2.13 2.46
C2 A2G B . -1.18 -1.20 3.26
N2 A2G B . -1.69 -0.14 2.40
C3 A2G B . -0.40 -0.61 4.44
O3 A2G B . -1.31 0.09 5.28
C4 A2G B . 0.25 -1.74 5.23
O4 A2G B . -0.74 -2.51 5.89
C5 A2G B . 1.04 -2.65 4.28
C6 A2G B . 1.65 -3.81 5.06
O6 A2G B . 2.22 -3.32 6.26
C7 A2G B . -2.99 0.02 2.21
O7 A2G B . -3.85 -0.71 2.73
C8 A2G B . -3.41 1.09 1.21
H1 A2G B . -0.79 -2.54 1.63
H2 A2G B . -2.01 -1.77 3.64
HN2 A2G B . -1.06 0.44 1.91
H3 A2G B . 0.35 0.06 4.08
HO3 A2G B . -1.98 -0.53 5.58
H4 A2G B . 0.92 -1.33 5.97
HO4 A2G B . -1.08 -3.16 5.27
H5 A2G B . 1.82 -2.09 3.80
H61 A2G B . 0.88 -4.53 5.30
H81 A2G B . -3.75 0.62 0.29
H82 A2G B . -4.20 1.69 1.62
H83 A2G B . -2.55 1.72 0.99
H62 A2G B . 2.42 -4.29 4.47
HO6 A2G B . 3.12 -3.66 6.33
C ACE A 1 5.02 2.75 -0.51
O ACE A 1 4.85 2.11 0.53
CH3 ACE A 1 4.23 2.42 -1.77
H1 ACE A 1 4.89 2.39 -2.61
H2 ACE A 1 3.47 3.18 -1.93
H3 ACE A 1 3.75 1.46 -1.65
N PRO A 2 5.87 3.73 -0.59
CA PRO A 2 6.72 4.16 0.55
C PRO A 2 5.91 4.26 1.85
N THR A 3 4.59 4.20 1.74
CA THR A 3 3.72 4.28 2.90
C THR A 3 2.42 3.53 2.65
N THR A 4 2.42 2.68 1.62
CA THR A 4 1.23 1.91 1.29
C THR A 4 1.61 0.59 0.63
N THR A 5 0.66 -0.33 0.55
CA THR A 5 0.91 -1.63 -0.06
C THR A 5 -0.36 -2.17 -0.72
N PRO A 6 -0.20 -3.07 -1.65
CA PRO A 6 -1.34 -3.67 -2.39
C PRO A 6 -2.49 -4.05 -1.46
N LEU A 7 -3.12 -3.04 -0.85
CA LEU A 7 -4.24 -3.29 0.05
C LEU A 7 -5.49 -3.64 -0.75
N LYS A 8 -6.32 -2.63 -0.99
CA LYS A 8 -7.57 -2.84 -1.74
C LYS A 8 -7.28 -2.92 -3.24
N NH2 A 9 -6.44 -3.82 -3.70
HN1 NH2 A 9 -5.48 -3.64 -3.70
HN2 NH2 A 9 -6.79 -4.67 -4.03
O5 A2G B . 0.47 -4.30 3.09
C1 A2G B . -0.06 -3.04 2.72
C2 A2G B . -0.72 -2.41 3.95
N2 A2G B . -1.32 -1.14 3.60
C3 A2G B . 0.34 -2.23 5.04
O3 A2G B . -0.29 -1.82 6.24
C4 A2G B . 1.08 -3.55 5.27
O4 A2G B . 0.20 -4.48 5.87
C5 A2G B . 1.57 -4.09 3.94
C6 A2G B . 2.28 -5.42 4.15
O6 A2G B . 3.29 -5.28 5.14
C7 A2G B . -2.63 -0.95 3.70
O7 A2G B . -3.41 -1.81 4.08
C8 A2G B . -3.13 0.46 3.39
H1 A2G B . -0.80 -3.17 1.95
H2 A2G B . -1.49 -3.08 4.32
HN2 A2G B . -0.75 -0.40 3.29
H3 A2G B . 1.05 -1.47 4.73
HO3 A2G B . -0.47 -2.61 6.77
H4 A2G B . 1.92 -3.37 5.92
HO4 A2G B . 0.70 -5.28 6.06
H5 A2G B . 2.26 -3.38 3.48
H61 A2G B . 1.57 -6.17 4.48
H81 A2G B . -3.77 0.43 2.52
H82 A2G B . -3.69 0.84 4.24
H83 A2G B . -2.29 1.11 3.20
H62 A2G B . 2.74 -5.75 3.22
HO6 A2G B . 3.59 -4.37 5.12
C ACE A 1 4.97 6.82 3.43
O ACE A 1 5.95 6.10 3.25
CH3 ACE A 1 5.13 8.34 3.49
H1 ACE A 1 6.10 8.62 3.12
H2 ACE A 1 5.01 8.68 4.51
H3 ACE A 1 4.36 8.80 2.88
N PRO A 2 3.76 6.35 3.56
CA PRO A 2 3.46 4.89 3.52
C PRO A 2 3.52 4.33 2.10
N THR A 3 3.92 3.07 1.98
CA THR A 3 4.01 2.44 0.66
C THR A 3 2.68 1.79 0.30
N THR A 4 2.46 1.60 -1.00
CA THR A 4 1.22 0.98 -1.46
C THR A 4 1.39 -0.53 -1.57
N THR A 5 0.41 -1.27 -1.05
CA THR A 5 0.46 -2.73 -1.08
C THR A 5 -0.95 -3.31 -1.13
N PRO A 6 -1.06 -4.53 -1.58
CA PRO A 6 -2.37 -5.23 -1.69
C PRO A 6 -3.24 -5.03 -0.46
N LEU A 7 -3.85 -3.85 -0.35
CA LEU A 7 -4.72 -3.55 0.79
C LEU A 7 -5.52 -2.28 0.53
N LYS A 8 -5.57 -1.86 -0.74
CA LYS A 8 -6.31 -0.67 -1.11
C LYS A 8 -7.81 -0.97 -1.19
N NH2 A 9 -8.63 -0.33 -0.43
HN1 NH2 A 9 -8.54 0.64 -0.28
HN2 NH2 A 9 -9.34 -0.81 0.04
O5 A2G B . 0.35 -3.87 2.83
C1 A2G B . -0.04 -2.78 2.04
C2 A2G B . -0.44 -1.63 2.97
N2 A2G B . -0.89 -0.49 2.19
C3 A2G B . 0.75 -1.24 3.84
O3 A2G B . 0.33 -0.33 4.85
C4 A2G B . 1.34 -2.49 4.51
O4 A2G B . 0.43 -2.98 5.49
C5 A2G B . 1.58 -3.57 3.46
C6 A2G B . 2.11 -4.84 4.13
O6 A2G B . 3.18 -4.49 5.01
C7 A2G B . -2.11 0.02 2.35
O7 A2G B . -2.93 -0.44 3.14
C8 A2G B . -2.46 1.22 1.48
H1 A2G B . -0.88 -3.06 1.43
H2 A2G B . -1.25 -1.97 3.60
HN2 A2G B . -0.28 -0.08 1.54
H3 A2G B . 1.51 -0.77 3.23
HO3 A2G B . -0.31 0.28 4.44
H4 A2G B . 2.27 -2.23 4.98
HO4 A2G B . -0.13 -2.24 5.76
H5 A2G B . 2.30 -3.22 2.73
H61 A2G B . 1.33 -5.31 4.69
H81 A2G B . -3.22 0.94 0.76
H82 A2G B . -2.85 2.01 2.10
H83 A2G B . -1.58 1.55 0.96
H62 A2G B . 2.48 -5.52 3.38
HO6 A2G B . 2.80 -4.14 5.81
C ACE A 1 5.06 2.12 3.78
O ACE A 1 4.27 3.07 3.81
CH3 ACE A 1 4.57 0.69 3.98
H1 ACE A 1 5.22 0.17 4.67
H2 ACE A 1 4.57 0.17 3.02
H3 ACE A 1 3.56 0.71 4.37
N PRO A 2 6.34 2.28 3.58
CA PRO A 2 6.97 3.62 3.38
C PRO A 2 6.16 4.48 2.41
N THR A 3 6.08 4.04 1.15
CA THR A 3 5.33 4.78 0.15
C THR A 3 3.87 4.35 0.13
N THR A 4 3.62 3.13 -0.35
CA THR A 4 2.26 2.61 -0.41
C THR A 4 2.26 1.10 -0.28
N THR A 5 1.07 0.51 -0.21
CA THR A 5 0.95 -0.94 -0.08
C THR A 5 -0.30 -1.43 -0.79
N PRO A 6 -0.32 -2.68 -1.18
CA PRO A 6 -1.48 -3.29 -1.88
C PRO A 6 -2.80 -2.94 -1.21
N LEU A 7 -3.76 -2.46 -2.02
CA LEU A 7 -5.07 -2.08 -1.50
C LEU A 7 -5.87 -3.33 -1.13
N LYS A 8 -6.89 -3.15 -0.29
CA LYS A 8 -7.72 -4.27 0.13
C LYS A 8 -9.04 -3.75 0.69
N NH2 A 9 -10.13 -3.87 -0.01
HN1 NH2 A 9 -10.24 -3.37 -0.84
HN2 NH2 A 9 -10.86 -4.46 0.30
O5 A2G B . -0.89 -2.39 3.25
C1 A2G B . -1.20 -1.40 2.30
C2 A2G B . -2.32 -0.54 2.86
N2 A2G B . -2.72 0.48 1.89
C3 A2G B . -1.85 0.13 4.16
O3 A2G B . -2.95 0.79 4.79
C4 A2G B . -1.27 -0.93 5.10
O4 A2G B . -2.33 -1.76 5.57
C5 A2G B . -0.25 -1.78 4.34
C6 A2G B . 0.29 -2.87 5.27
O6 A2G B . 0.95 -2.27 6.37
C7 A2G B . -3.98 0.58 1.47
O7 A2G B . -4.88 -0.16 1.87
C8 A2G B . -4.25 1.64 0.42
H1 A2G B . -1.54 -1.86 1.38
H2 A2G B . -3.17 -1.16 3.08
HN2 A2G B . -2.05 1.10 1.55
H3 A2G B . -1.08 0.86 3.93
HO3 A2G B . -2.62 1.19 5.59
H4 A2G B . -0.80 -0.44 5.94
HO4 A2G B . -3.02 -1.20 5.91
H5 A2G B . 0.56 -1.16 4.01
H61 A2G B . -0.52 -3.48 5.63
H81 A2G B . -4.62 1.16 -0.49
H82 A2G B . -5.00 2.33 0.79
H83 A2G B . -3.34 2.17 0.20
H62 A2G B . 1.00 -3.48 4.73
HO6 A2G B . 1.78 -2.73 6.52
C ACE A 1 2.89 6.47 1.47
O ACE A 1 2.13 5.87 0.71
CH3 ACE A 1 2.35 7.49 2.47
H1 ACE A 1 1.28 7.38 2.55
H2 ACE A 1 2.59 8.49 2.13
H3 ACE A 1 2.80 7.31 3.44
N PRO A 2 4.18 6.28 1.46
CA PRO A 2 4.84 5.32 0.54
C PRO A 2 4.63 3.87 0.98
N THR A 3 3.88 3.68 2.06
CA THR A 3 3.61 2.34 2.58
C THR A 3 2.38 1.75 1.90
N THR A 4 2.29 1.93 0.59
CA THR A 4 1.15 1.40 -0.16
C THR A 4 1.44 0.00 -0.66
N THR A 5 0.47 -0.90 -0.47
CA THR A 5 0.64 -2.29 -0.90
C THR A 5 -0.71 -2.90 -1.28
N PRO A 6 -0.69 -3.94 -2.07
CA PRO A 6 -1.92 -4.64 -2.52
C PRO A 6 -2.92 -4.84 -1.38
N LEU A 7 -3.58 -3.77 -0.97
CA LEU A 7 -4.56 -3.84 0.10
C LEU A 7 -5.38 -2.56 0.18
N LYS A 8 -5.36 -1.79 -0.92
CA LYS A 8 -6.11 -0.54 -0.96
C LYS A 8 -7.59 -0.81 -1.21
N NH2 A 9 -8.49 -0.03 -0.66
HN1 NH2 A 9 -8.58 0.90 -0.96
HN2 NH2 A 9 -9.07 -0.38 0.04
O5 A2G B . 0.20 -4.54 2.45
C1 A2G B . -0.19 -3.27 1.97
C2 A2G B . -0.79 -2.48 3.14
N2 A2G B . -1.23 -1.16 2.68
C3 A2G B . 0.27 -2.31 4.24
O3 A2G B . -0.34 -1.76 5.40
C4 A2G B . 0.86 -3.68 4.58
O4 A2G B . -0.11 -4.48 5.24
C5 A2G B . 1.31 -4.38 3.30
C6 A2G B . 1.87 -5.76 3.63
O6 A2G B . 3.21 -5.64 4.09
C7 A2G B . -2.48 -0.76 2.86
O7 A2G B . -3.33 -1.45 3.42
C8 A2G B . -2.83 0.62 2.30
H1 A2G B . -0.95 -3.39 1.20
H2 A2G B . -1.63 -3.02 3.53
HN2 A2G B . -0.59 -0.57 2.22
H3 A2G B . 1.05 -1.65 3.90
HO3 A2G B . -0.92 -2.43 5.77
H4 A2G B . 1.71 -3.54 5.23
HO4 A2G B . -0.25 -5.27 4.71
H5 A2G B . 2.07 -3.80 2.80
H61 A2G B . 1.27 -6.22 4.40
H81 A2G B . -3.73 0.54 1.71
H82 A2G B . -2.99 1.31 3.11
H83 A2G B . -2.02 0.97 1.68
H62 A2G B . 1.84 -6.38 2.75
HO6 A2G B . 3.20 -5.64 5.04
C ACE A 1 6.13 1.27 1.34
O ACE A 1 4.95 1.61 1.47
CH3 ACE A 1 6.56 0.38 0.18
H1 ACE A 1 7.09 0.97 -0.55
H2 ACE A 1 5.69 -0.06 -0.28
H3 ACE A 1 7.21 -0.40 0.55
N PRO A 2 7.05 1.64 2.18
CA PRO A 2 6.78 2.51 3.35
C PRO A 2 5.87 3.70 3.00
N THR A 3 5.71 3.93 1.70
CA THR A 3 4.86 5.02 1.23
C THR A 3 3.41 4.57 1.09
N THR A 4 3.23 3.41 0.46
CA THR A 4 1.89 2.88 0.26
C THR A 4 1.93 1.35 0.21
N THR A 5 0.75 0.73 0.12
CA THR A 5 0.67 -0.72 0.08
C THR A 5 -0.54 -1.15 -0.76
N PRO A 6 -0.49 -2.35 -1.29
CA PRO A 6 -1.58 -2.91 -2.14
C PRO A 6 -2.96 -2.63 -1.55
N LEU A 7 -3.92 -2.35 -2.43
CA LEU A 7 -5.28 -2.08 -1.98
C LEU A 7 -5.95 -3.35 -1.48
N LYS A 8 -5.95 -3.54 -0.16
CA LYS A 8 -6.55 -4.72 0.44
C LYS A 8 -8.07 -4.57 0.50
N NH2 A 9 -8.82 -5.63 0.41
HN1 NH2 A 9 -8.41 -6.52 0.33
HN2 NH2 A 9 -9.80 -5.54 0.43
O5 A2G B . -1.31 -2.57 3.17
C1 A2G B . -1.60 -1.53 2.26
C2 A2G B . -2.81 -0.75 2.80
N2 A2G B . -3.18 0.31 1.87
C3 A2G B . -2.46 -0.15 4.17
O3 A2G B . -3.63 0.41 4.75
C4 A2G B . -1.91 -1.25 5.08
O4 A2G B . -2.95 -2.16 5.40
C5 A2G B . -0.79 -2.00 4.36
C6 A2G B . -0.26 -3.13 5.25
O6 A2G B . 0.14 -2.59 6.50
C7 A2G B . -4.36 0.30 1.25
O7 A2G B . -5.20 -0.58 1.43
C8 A2G B . -4.63 1.47 0.32
H1 A2G B . -1.85 -1.94 1.30
H2 A2G B . -3.65 -1.43 2.91
HN2 A2G B . -2.55 1.03 1.69
H3 A2G B . -1.72 0.62 4.04
HO3 A2G B . -3.71 1.31 4.43
H4 A2G B . -1.53 -0.80 5.98
HO4 A2G B . -3.77 -1.66 5.46
H5 A2G B . 0.01 -1.32 4.12
H61 A2G B . -1.04 -3.86 5.40
H81 A2G B . -4.83 1.09 -0.68
H82 A2G B . -5.49 2.02 0.67
H83 A2G B . -3.77 2.11 0.28
H62 A2G B . 0.57 -3.60 4.77
HO6 A2G B . 0.53 -3.30 7.01
C ACE A 1 6.94 2.65 3.70
O ACE A 1 6.90 3.79 4.17
CH3 ACE A 1 6.37 1.46 4.48
H1 ACE A 1 6.17 1.76 5.49
H2 ACE A 1 7.07 0.65 4.46
H3 ACE A 1 5.44 1.15 4.02
N PRO A 2 7.47 2.41 2.52
CA PRO A 2 8.06 3.50 1.68
C PRO A 2 7.06 4.63 1.44
N THR A 3 5.84 4.25 1.05
CA THR A 3 4.81 5.25 0.78
C THR A 3 3.43 4.65 1.05
N THR A 4 3.15 3.50 0.42
CA THR A 4 1.86 2.84 0.60
C THR A 4 2.00 1.34 0.44
N THR A 5 0.87 0.64 0.41
CA THR A 5 0.87 -0.82 0.26
C THR A 5 -0.36 -1.28 -0.52
N PRO A 6 -0.28 -2.43 -1.14
CA PRO A 6 -1.39 -3.00 -1.94
C PRO A 6 -2.73 -2.91 -1.21
N LEU A 7 -3.67 -2.17 -1.79
CA LEU A 7 -4.99 -2.02 -1.18
C LEU A 7 -5.79 -3.30 -1.31
N LYS A 8 -6.78 -3.46 -0.45
CA LYS A 8 -7.62 -4.65 -0.47
C LYS A 8 -8.67 -4.54 -1.59
N NH2 A 9 -8.44 -3.76 -2.59
HN1 NH2 A 9 -9.19 -3.30 -3.04
HN2 NH2 A 9 -7.53 -3.61 -2.91
O5 A2G B . -0.75 -2.98 3.27
C1 A2G B . -1.15 -1.81 2.59
C2 A2G B . -2.27 -1.13 3.40
N2 A2G B . -2.73 0.06 2.70
C3 A2G B . -1.72 -0.76 4.78
O3 A2G B . -2.80 -0.31 5.60
C4 A2G B . -1.08 -1.99 5.42
O4 A2G B . -2.08 -2.95 5.73
C5 A2G B . -0.07 -2.60 4.45
C6 A2G B . 0.57 -3.84 5.07
O6 A2G B . 0.96 -3.56 6.41
C7 A2G B . -3.98 0.14 2.24
O7 A2G B . -4.80 -0.77 2.38
C8 A2G B . -4.29 1.35 1.37
H1 A2G B . -1.53 -2.07 1.61
H2 A2G B . -3.08 -1.82 3.51
HN2 A2G B . -2.13 0.82 2.58
H3 A2G B . -0.99 0.02 4.68
HO3 A2G B . -3.42 0.16 5.04
H4 A2G B . -0.57 -1.69 6.33
HO4 A2G B . -2.32 -3.39 4.92
H5 A2G B . 0.70 -1.87 4.22
H61 A2G B . -0.16 -4.65 5.07
H81 A2G B . -4.40 1.03 0.35
H82 A2G B . -5.21 1.81 1.70
H83 A2G B . -3.49 2.06 1.44
H62 A2G B . 1.43 -4.13 4.49
HO6 A2G B . 0.19 -3.26 6.88
C ACE A 1 4.60 4.52 -0.86
O ACE A 1 3.75 3.76 -0.41
CH3 ACE A 1 4.22 5.66 -1.81
H1 ACE A 1 4.92 5.67 -2.64
H2 ACE A 1 4.27 6.60 -1.28
H3 ACE A 1 3.22 5.50 -2.18
N PRO A 2 5.86 4.41 -0.55
CA PRO A 2 6.38 3.36 0.37
C PRO A 2 5.51 3.21 1.61
N THR A 3 4.67 4.21 1.87
CA THR A 3 3.78 4.17 3.03
C THR A 3 2.47 3.48 2.67
N THR A 4 2.48 2.67 1.61
CA THR A 4 1.29 1.97 1.17
C THR A 4 1.66 0.65 0.49
N THR A 5 0.70 -0.26 0.41
CA THR A 5 0.94 -1.55 -0.22
C THR A 5 -0.34 -2.09 -0.85
N PRO A 6 -0.21 -2.97 -1.79
CA PRO A 6 -1.37 -3.56 -2.52
C PRO A 6 -2.50 -3.97 -1.57
N LEU A 7 -3.12 -2.97 -0.95
CA LEU A 7 -4.23 -3.22 -0.03
C LEU A 7 -5.49 -3.58 -0.80
N LYS A 8 -6.35 -2.60 -1.02
CA LYS A 8 -7.59 -2.84 -1.75
C LYS A 8 -7.33 -2.90 -3.25
N NH2 A 9 -6.34 -2.24 -3.76
HN1 NH2 A 9 -5.47 -2.68 -3.91
HN2 NH2 A 9 -6.44 -1.29 -4.01
O5 A2G B . 0.43 -4.30 2.83
C1 A2G B . -0.05 -3.02 2.50
C2 A2G B . -0.72 -2.41 3.73
N2 A2G B . -1.27 -1.10 3.41
C3 A2G B . 0.32 -2.29 4.85
O3 A2G B . -0.33 -1.90 6.05
C4 A2G B . 1.01 -3.63 5.05
O4 A2G B . 0.08 -4.56 5.60
C5 A2G B . 1.52 -4.16 3.71
C6 A2G B . 2.18 -5.53 3.90
O6 A2G B . 3.27 -5.40 4.80
C7 A2G B . -2.56 -0.84 3.58
O7 A2G B . -3.36 -1.67 4.01
C8 A2G B . -3.01 0.57 3.20
H1 A2G B . -0.78 -3.09 1.69
H2 A2G B . -1.51 -3.05 4.05
HN2 A2G B . -0.68 -0.40 3.06
H3 A2G B . 1.05 -1.54 4.58
HO3 A2G B . -0.93 -1.18 5.85
H4 A2G B . 1.85 -3.51 5.73
HO4 A2G B . -0.77 -4.40 5.20
H5 A2G B . 2.24 -3.46 3.29
H61 A2G B . 1.46 -6.22 4.30
H81 A2G B . -3.76 0.51 2.43
H82 A2G B . -3.43 1.05 4.07
H83 A2G B . -2.17 1.14 2.84
H62 A2G B . 2.54 -5.89 2.95
HO6 A2G B . 3.91 -4.81 4.41
C ACE A 1 4.70 2.95 -1.32
O ACE A 1 4.42 2.12 -0.46
CH3 ACE A 1 3.67 3.38 -2.35
H1 ACE A 1 4.11 3.38 -3.33
H2 ACE A 1 3.32 4.38 -2.12
H3 ACE A 1 2.84 2.70 -2.34
N PRO A 2 5.88 3.50 -1.40
CA PRO A 2 6.99 3.17 -0.45
C PRO A 2 6.52 3.13 0.99
N THR A 3 5.89 4.20 1.43
CA THR A 3 5.39 4.29 2.80
C THR A 3 3.97 3.73 2.89
N THR A 4 3.63 2.85 1.95
CA THR A 4 2.30 2.25 1.94
C THR A 4 2.35 0.86 1.32
N THR A 5 1.19 0.25 1.14
CA THR A 5 1.11 -1.08 0.56
C THR A 5 -0.18 -1.24 -0.25
N PRO A 6 -0.17 -2.16 -1.19
CA PRO A 6 -1.35 -2.42 -2.06
C PRO A 6 -2.66 -2.49 -1.25
N LEU A 7 -3.49 -1.47 -1.40
CA LEU A 7 -4.76 -1.42 -0.68
C LEU A 7 -5.73 -2.44 -1.26
N LYS A 8 -6.89 -2.57 -0.61
CA LYS A 8 -7.91 -3.51 -1.06
C LYS A 8 -8.69 -2.93 -2.24
N NH2 A 9 -9.65 -3.63 -2.78
HN1 NH2 A 9 -10.52 -3.20 -2.97
HN2 NH2 A 9 -9.51 -4.57 -3.00
O5 A2G B . -0.53 -3.97 2.88
C1 A2G B . -0.87 -2.64 2.61
C2 A2G B . -1.90 -2.18 3.65
N2 A2G B . -2.31 -0.81 3.36
C3 A2G B . -1.28 -2.27 5.04
O3 A2G B . -2.28 -2.04 6.02
C4 A2G B . -0.67 -3.66 5.25
O4 A2G B . -1.72 -4.62 5.34
C5 A2G B . 0.23 -4.00 4.06
C6 A2G B . 0.79 -5.41 4.25
O6 A2G B . 1.46 -5.50 5.51
C7 A2G B . -3.58 -0.52 3.06
O7 A2G B . -4.46 -1.38 2.98
C8 A2G B . -3.89 0.95 2.85
H1 A2G B . -1.32 -2.58 1.62
H2 A2G B . -2.76 -2.82 3.60
HN2 A2G B . -1.65 -0.09 3.41
H3 A2G B . -0.50 -1.52 5.14
HO3 A2G B . -2.70 -1.20 5.83
H4 A2G B . -0.10 -3.67 6.16
HO4 A2G B . -2.47 -4.28 4.84
H5 A2G B . 1.05 -3.29 4.01
H61 A2G B . -0.01 -6.13 4.21
H81 A2G B . -4.33 1.09 1.87
H82 A2G B . -4.60 1.27 3.61
H83 A2G B . -2.99 1.54 2.93
H62 A2G B . 1.50 -5.63 3.46
HO6 A2G B . 2.13 -6.18 5.43
C ACE A 1 7.51 4.34 0.38
O ACE A 1 7.44 4.10 1.57
CH3 ACE A 1 8.69 3.84 -0.46
H1 ACE A 1 9.47 3.50 0.21
H2 ACE A 1 9.05 4.64 -1.08
H3 ACE A 1 8.36 3.01 -1.08
N PRO A 2 6.60 5.03 -0.25
CA PRO A 2 5.39 5.59 0.43
C PRO A 2 4.75 4.57 1.36
N THR A 3 3.75 5.02 2.12
CA THR A 3 3.05 4.14 3.06
C THR A 3 1.88 3.44 2.37
N THR A 4 2.20 2.55 1.45
CA THR A 4 1.16 1.81 0.72
C THR A 4 1.67 0.43 0.30
N THR A 5 0.76 -0.51 0.16
CA THR A 5 1.12 -1.86 -0.24
C THR A 5 -0.01 -2.52 -1.02
N PRO A 6 0.32 -3.52 -1.80
CA PRO A 6 -0.68 -4.25 -2.64
C PRO A 6 -1.96 -4.56 -1.87
N LEU A 7 -2.77 -3.53 -1.63
CA LEU A 7 -4.02 -3.70 -0.90
C LEU A 7 -4.88 -2.45 -1.02
N LYS A 8 -5.50 -2.06 0.08
CA LYS A 8 -6.36 -0.87 0.09
C LYS A 8 -6.57 -0.37 1.52
N NH2 A 9 -7.00 0.85 1.71
HN1 NH2 A 9 -7.38 1.09 2.58
HN2 NH2 A 9 -6.96 1.50 0.98
O5 A2G B . -0.17 -4.27 2.79
C1 A2G B . -0.48 -3.00 2.25
C2 A2G B . -1.43 -2.28 3.22
N2 A2G B . -1.81 -0.98 2.69
C3 A2G B . -0.72 -2.11 4.57
O3 A2G B . -1.65 -1.62 5.53
C4 A2G B . -0.16 -3.46 5.03
O4 A2G B . -1.24 -4.32 5.37
C5 A2G B . 0.66 -4.08 3.91
C6 A2G B . 1.18 -5.45 4.35
O6 A2G B . 1.98 -5.30 5.51
C7 A2G B . -3.09 -0.69 2.46
O7 A2G B . -4.00 -1.46 2.70
C8 A2G B . -3.37 0.71 1.91
H1 A2G B . -0.97 -3.11 1.30
H2 A2G B . -2.31 -2.88 3.36
HN2 A2G B . -1.12 -0.32 2.48
H3 A2G B . 0.09 -1.41 4.46
HO3 A2G B . -1.15 -1.18 6.22
H4 A2G B . 0.46 -3.32 5.90
HO4 A2G B . -1.33 -4.32 6.32
H5 A2G B . 1.49 -3.44 3.66
H61 A2G B . 0.35 -6.11 4.57
H81 A2G B . -3.87 0.62 0.96
H82 A2G B . -3.99 1.25 2.60
H83 A2G B . -2.43 1.23 1.78
H62 A2G B . 1.78 -5.89 3.56
HO6 A2G B . 2.31 -4.40 5.54
C ACE A 1 4.88 7.61 3.04
O ACE A 1 5.54 7.37 2.02
CH3 ACE A 1 4.63 9.05 3.49
H1 ACE A 1 4.82 9.13 4.54
H2 ACE A 1 3.60 9.32 3.28
H3 ACE A 1 5.29 9.72 2.95
N PRO A 2 4.38 6.66 3.77
CA PRO A 2 4.54 5.22 3.46
C PRO A 2 4.31 4.93 1.97
N THR A 3 4.66 3.71 1.56
CA THR A 3 4.49 3.32 0.17
C THR A 3 3.10 2.73 -0.06
N THR A 4 3.05 1.60 -0.76
CA THR A 4 1.78 0.94 -1.03
C THR A 4 1.97 -0.57 -1.16
N THR A 5 0.89 -1.31 -0.94
CA THR A 5 0.95 -2.77 -1.03
C THR A 5 -0.39 -3.33 -1.50
N PRO A 6 -0.37 -4.52 -2.02
CA PRO A 6 -1.60 -5.20 -2.53
C PRO A 6 -2.77 -5.06 -1.58
N LEU A 7 -3.44 -3.90 -1.64
CA LEU A 7 -4.59 -3.65 -0.78
C LEU A 7 -5.36 -2.42 -1.25
N LYS A 8 -5.97 -1.71 -0.31
CA LYS A 8 -6.73 -0.50 -0.64
C LYS A 8 -5.79 0.67 -0.87
N NH2 A 9 -5.99 1.80 -0.24
HN1 NH2 A 9 -6.19 2.61 -0.73
HN2 NH2 A 9 -5.92 1.82 0.75
O5 A2G B . 0.04 -4.08 2.78
C1 A2G B . -0.25 -2.97 1.96
C2 A2G B . -0.85 -1.87 2.85
N2 A2G B . -1.22 -0.71 2.03
C3 A2G B . 0.18 -1.46 3.90
O3 A2G B . -0.42 -0.57 4.84
C4 A2G B . 0.69 -2.70 4.63
O4 A2G B . -0.35 -3.24 5.43
C5 A2G B . 1.14 -3.75 3.60
C6 A2G B . 1.62 -5.01 4.32
O6 A2G B . 2.60 -4.67 5.28
C7 A2G B . -2.49 -0.35 1.90
O7 A2G B . -3.41 -0.94 2.45
C8 A2G B . -2.75 0.88 1.03
H1 A2G B . -0.97 -3.25 1.21
H2 A2G B . -1.72 -2.25 3.34
HN2 A2G B . -0.52 -0.21 1.58
H3 A2G B . 1.01 -0.96 3.42
HO3 A2G B . -1.34 -0.80 4.90
H4 A2G B . 1.53 -2.44 5.26
HO4 A2G B . 0.04 -3.88 6.04
H5 A2G B . 1.95 -3.35 3.01
H61 A2G B . 0.78 -5.48 4.83
H81 A2G B . -3.43 0.62 0.24
H82 A2G B . -3.18 1.66 1.64
H83 A2G B . -1.82 1.22 0.61
H62 A2G B . 2.03 -5.69 3.61
HO6 A2G B . 2.18 -4.63 6.14
C ACE A 1 3.43 7.63 0.59
O ACE A 1 3.99 7.66 -0.50
CH3 ACE A 1 2.00 8.17 0.77
H1 ACE A 1 1.55 8.30 -0.20
H2 ACE A 1 2.04 9.11 1.29
H3 ACE A 1 1.42 7.45 1.34
N PRO A 2 4.01 7.15 1.66
CA PRO A 2 5.39 6.60 1.65
C PRO A 2 5.45 5.21 1.00
N THR A 3 4.51 4.35 1.37
CA THR A 3 4.46 3.01 0.82
C THR A 3 3.03 2.48 0.80
N THR A 4 2.77 1.49 -0.05
CA THR A 4 1.43 0.92 -0.15
C THR A 4 1.52 -0.54 -0.59
N THR A 5 0.48 -1.31 -0.26
CA THR A 5 0.46 -2.72 -0.62
C THR A 5 -0.97 -3.18 -0.90
N PRO A 6 -1.13 -4.25 -1.62
CA PRO A 6 -2.46 -4.81 -1.98
C PRO A 6 -3.40 -4.84 -0.78
N LEU A 7 -3.84 -3.65 -0.34
CA LEU A 7 -4.75 -3.56 0.79
C LEU A 7 -5.32 -2.14 0.90
N LYS A 8 -5.33 -1.43 -0.22
CA LYS A 8 -5.86 -0.07 -0.23
C LYS A 8 -7.38 -0.07 -0.26
N NH2 A 9 -8.04 0.98 0.12
HN1 NH2 A 9 -8.24 1.10 1.07
HN2 NH2 A 9 -8.36 1.64 -0.52
O5 A2G B . -0.12 -4.64 2.90
C1 A2G B . -0.31 -3.36 2.35
C2 A2G B . -0.68 -2.41 3.49
N2 A2G B . -0.94 -1.07 2.95
C3 A2G B . 0.47 -2.35 4.50
O3 A2G B . 0.06 -1.62 5.65
C4 A2G B . 0.84 -3.78 4.91
O4 A2G B . -0.20 -4.34 5.68
C5 A2G B . 1.07 -4.63 3.66
C6 A2G B . 1.40 -6.07 4.07
O6 A2G B . 2.40 -6.05 5.08
C7 A2G B . -2.15 -0.52 3.03
O7 A2G B . -3.11 -1.09 3.55
C8 A2G B . -2.27 0.91 2.52
H1 A2G B . -1.11 -3.39 1.63
H2 A2G B . -1.57 -2.77 3.98
HN2 A2G B . -0.21 -0.57 2.53
H3 A2G B . 1.32 -1.87 4.04
HO3 A2G B . 0.67 -0.89 5.76
H4 A2G B . 1.75 -3.75 5.50
HO4 A2G B . -0.89 -4.64 5.07
H5 A2G B . 1.88 -4.22 3.08
H61 A2G B . 0.53 -6.55 4.44
H81 A2G B . -2.95 0.92 1.68
H82 A2G B . -2.66 1.54 3.30
H83 A2G B . -1.30 1.27 2.21
H62 A2G B . 1.78 -6.61 3.22
HO6 A2G B . 1.99 -5.77 5.90
C ACE A 1 7.18 7.28 2.01
O ACE A 1 6.82 6.77 3.06
CH3 ACE A 1 8.54 7.93 1.88
H1 ACE A 1 8.44 8.89 1.38
H2 ACE A 1 9.19 7.30 1.29
H3 ACE A 1 8.98 8.07 2.85
N PRO A 2 6.42 7.28 0.95
CA PRO A 2 5.05 6.69 0.92
C PRO A 2 5.01 5.32 1.60
N THR A 3 3.81 4.80 1.82
CA THR A 3 3.65 3.50 2.45
C THR A 3 2.37 2.83 1.98
N THR A 4 2.49 1.93 1.02
CA THR A 4 1.33 1.21 0.49
C THR A 4 1.73 -0.18 0.01
N THR A 5 0.75 -1.05 -0.13
CA THR A 5 1.00 -2.42 -0.59
C THR A 5 -0.20 -2.96 -1.36
N PRO A 6 0.02 -3.95 -2.17
CA PRO A 6 -1.05 -4.57 -3.00
C PRO A 6 -2.32 -4.82 -2.19
N LEU A 7 -3.12 -3.76 -2.04
CA LEU A 7 -4.37 -3.87 -1.29
C LEU A 7 -5.23 -2.64 -1.52
N LYS A 8 -6.03 -2.28 -0.51
CA LYS A 8 -6.90 -1.12 -0.60
C LYS A 8 -6.11 0.16 -0.38
N NH2 A 9 -5.22 0.54 -1.27
HN1 NH2 A 9 -5.26 1.44 -1.65
HN2 NH2 A 9 -4.54 -0.09 -1.57
O5 A2G B . -0.11 -4.81 2.58
C1 A2G B . -0.46 -3.56 2.05
C2 A2G B . -1.29 -2.80 3.09
N2 A2G B . -1.71 -1.52 2.56
C3 A2G B . -0.44 -2.60 4.35
O3 A2G B . -1.26 -2.07 5.39
C4 A2G B . 0.14 -3.95 4.79
O4 A2G B . -0.91 -4.79 5.26
C5 A2G B . 0.83 -4.62 3.61
C6 A2G B . 1.38 -5.98 4.04
O6 A2G B . 2.21 -5.82 5.18
C7 A2G B . -3.01 -1.24 2.38
O7 A2G B . -3.90 -2.04 2.65
C8 A2G B . -3.33 0.16 1.87
H1 A2G B . -1.05 -3.69 1.15
H2 A2G B . -2.16 -3.39 3.34
HN2 A2G B . -1.05 -0.85 2.33
H3 A2G B . 0.36 -1.92 4.14
HO3 A2G B . -1.49 -1.18 5.16
H4 A2G B . 0.85 -3.79 5.59
HO4 A2G B . -1.56 -4.23 5.71
H5 A2G B . 1.64 -3.99 3.25
H61 A2G B . 0.57 -6.64 4.27
H81 A2G B . -3.86 0.08 0.93
H82 A2G B . -3.95 0.67 2.59
H83 A2G B . -2.41 0.71 1.71
H62 A2G B . 1.97 -6.39 3.23
HO6 A2G B . 2.01 -6.53 5.79
C ACE A 1 4.90 3.12 -1.27
O ACE A 1 5.02 1.94 -0.93
CH3 ACE A 1 4.30 3.49 -2.62
H1 ACE A 1 3.59 4.29 -2.49
H2 ACE A 1 3.82 2.62 -3.04
H3 ACE A 1 5.09 3.82 -3.28
N PRO A 2 5.28 4.10 -0.50
CA PRO A 2 5.87 3.90 0.85
C PRO A 2 4.83 3.51 1.89
N THR A 3 3.88 4.41 2.12
CA THR A 3 2.82 4.15 3.09
C THR A 3 1.64 3.44 2.43
N THR A 4 1.95 2.61 1.44
CA THR A 4 0.91 1.87 0.73
C THR A 4 1.45 0.54 0.21
N THR A 5 0.59 -0.47 0.17
CA THR A 5 0.99 -1.79 -0.31
C THR A 5 -0.18 -2.50 -0.96
N PRO A 6 0.10 -3.48 -1.78
CA PRO A 6 -0.94 -4.26 -2.51
C PRO A 6 -2.10 -4.65 -1.60
N LEU A 7 -3.05 -3.73 -1.44
CA LEU A 7 -4.21 -4.00 -0.59
C LEU A 7 -5.29 -2.94 -0.81
N LYS A 8 -4.95 -1.69 -0.52
CA LYS A 8 -5.90 -0.59 -0.69
C LYS A 8 -5.17 0.74 -0.73
N NH2 A 9 -3.86 0.76 -0.69
HN1 NH2 A 9 -3.34 0.41 -1.45
HN2 NH2 A 9 -3.40 1.11 0.10
O5 A2G B . 0.38 -4.33 2.87
C1 A2G B . -0.13 -3.12 2.37
C2 A2G B . -1.02 -2.49 3.45
N2 A2G B . -1.63 -1.26 2.96
C3 A2G B . -0.17 -2.20 4.68
O3 A2G B . -1.01 -1.79 5.75
C4 A2G B . 0.61 -3.46 5.09
O4 A2G B . -0.31 -4.43 5.58
C5 A2G B . 1.33 -4.02 3.87
C6 A2G B . 2.07 -5.30 4.26
O6 A2G B . 3.14 -4.99 5.14
C7 A2G B . -2.95 -1.11 2.94
O7 A2G B . -3.73 -1.97 3.34
C8 A2G B . -3.47 0.19 2.33
H1 A2G B . -0.74 -3.32 1.49
H2 A2G B . -1.80 -3.19 3.72
HN2 A2G B . -1.05 -0.54 2.63
H3 A2G B . 0.53 -1.41 4.46
HO3 A2G B . -1.14 -2.55 6.33
H4 A2G B . 1.31 -3.21 5.86
HO4 A2G B . -0.14 -4.54 6.52
H5 A2G B . 2.04 -3.29 3.50
H61 A2G B . 1.39 -5.98 4.75
H81 A2G B . -4.19 -0.04 1.56
H82 A2G B . -3.94 0.79 3.10
H83 A2G B . -2.64 0.75 1.90
H62 A2G B . 2.47 -5.77 3.37
HO6 A2G B . 2.86 -5.20 6.03
C ACE A 1 6.38 1.62 0.83
O ACE A 1 5.32 1.87 1.39
CH3 ACE A 1 6.42 0.69 -0.38
H1 ACE A 1 5.48 0.16 -0.45
H2 ACE A 1 7.23 -0.01 -0.25
H3 ACE A 1 6.57 1.27 -1.27
N PRO A 2 7.51 2.14 1.22
CA PRO A 2 7.62 3.06 2.38
C PRO A 2 6.53 4.14 2.37
N THR A 3 5.94 4.36 1.20
CA THR A 3 4.89 5.36 1.06
C THR A 3 3.52 4.73 1.35
N THR A 4 3.25 3.61 0.69
CA THR A 4 1.98 2.92 0.87
C THR A 4 2.14 1.41 0.65
N THR A 5 1.02 0.70 0.62
CA THR A 5 1.06 -0.74 0.41
C THR A 5 -0.19 -1.21 -0.34
N PRO A 6 -0.10 -2.33 -1.01
CA PRO A 6 -1.22 -2.90 -1.78
C PRO A 6 -2.54 -2.85 -1.01
N LEU A 7 -3.45 -1.99 -1.45
CA LEU A 7 -4.74 -1.83 -0.78
C LEU A 7 -5.62 -3.05 -1.07
N LYS A 8 -6.71 -3.17 -0.33
CA LYS A 8 -7.63 -4.28 -0.50
C LYS A 8 -8.53 -4.05 -1.71
N NH2 A 9 -8.41 -4.81 -2.75
HN1 NH2 A 9 -7.52 -5.04 -3.10
HN2 NH2 A 9 -9.21 -5.19 -3.19
O5 A2G B . -0.46 -3.01 3.41
C1 A2G B . -0.88 -1.82 2.77
C2 A2G B . -1.96 -1.17 3.64
N2 A2G B . -2.47 0.04 2.99
C3 A2G B . -1.37 -0.83 5.00
O3 A2G B . -2.41 -0.40 5.87
C4 A2G B . -0.70 -2.07 5.59
O4 A2G B . -1.69 -3.03 5.93
C5 A2G B . 0.27 -2.66 4.57
C6 A2G B . 0.92 -3.92 5.14
O6 A2G B . 1.52 -3.63 6.38
C7 A2G B . -3.73 0.12 2.60
O7 A2G B . -4.55 -0.79 2.74
C8 A2G B . -4.14 1.46 1.97
H1 A2G B . -1.29 -2.05 1.80
H2 A2G B . -2.78 -1.86 3.77
HN2 A2G B . -1.86 0.79 2.85
H3 A2G B . -0.64 -0.04 4.90
HO3 A2G B . -2.21 -0.72 6.75
H4 A2G B . -0.15 -1.79 6.49
HO4 A2G B . -2.48 -2.83 5.43
H5 A2G B . 1.03 -1.93 4.33
H61 A2G B . 0.16 -4.69 5.27
H81 A2G B . -4.50 1.28 0.96
H82 A2G B . -4.93 1.90 2.56
H83 A2G B . -3.29 2.11 1.94
H62 A2G B . 1.68 -4.28 4.45
HO6 A2G B . 1.16 -4.23 7.04
C ACE A 1 9.37 4.97 1.53
O ACE A 1 8.69 5.58 0.70
CH3 ACE A 1 10.80 5.40 1.84
H1 ACE A 1 10.82 5.88 2.81
H2 ACE A 1 11.14 6.09 1.10
H3 ACE A 1 11.45 4.54 1.85
N PRO A 2 8.90 3.94 2.17
CA PRO A 2 7.53 3.40 1.97
C PRO A 2 6.49 4.51 1.93
N THR A 3 5.28 4.17 1.46
CA THR A 3 4.21 5.14 1.37
C THR A 3 2.85 4.46 1.50
N THR A 4 2.67 3.38 0.75
CA THR A 4 1.41 2.64 0.79
C THR A 4 1.64 1.17 0.46
N THR A 5 0.56 0.41 0.37
CA THR A 5 0.65 -1.01 0.08
C THR A 5 -0.56 -1.47 -0.72
N PRO A 6 -0.41 -2.54 -1.47
CA PRO A 6 -1.50 -3.11 -2.30
C PRO A 6 -2.83 -3.17 -1.53
N LEU A 7 -3.88 -2.62 -2.14
CA LEU A 7 -5.20 -2.62 -1.52
C LEU A 7 -5.80 -4.02 -1.53
N LYS A 8 -6.74 -4.26 -0.62
CA LYS A 8 -7.39 -5.56 -0.53
C LYS A 8 -8.45 -5.70 -1.62
N NH2 A 9 -8.10 -6.04 -2.83
HN1 NH2 A 9 -8.46 -5.55 -3.60
HN2 NH2 A 9 -7.47 -6.77 -2.97
O5 A2G B . -0.79 -3.58 2.86
C1 A2G B . -1.27 -2.39 2.27
C2 A2G B . -2.43 -1.88 3.11
N2 A2G B . -2.99 -0.68 2.51
C3 A2G B . -1.94 -1.59 4.53
O3 A2G B . -3.05 -1.28 5.37
C4 A2G B . -1.21 -2.81 5.08
O4 A2G B . -2.13 -3.86 5.31
C5 A2G B . -0.14 -3.26 4.07
C6 A2G B . 0.57 -4.50 4.60
O6 A2G B . 0.97 -4.29 5.95
C7 A2G B . -4.23 -0.66 2.03
O7 A2G B . -4.98 -1.64 2.07
C8 A2G B . -4.68 0.63 1.37
H1 A2G B . -1.61 -2.60 1.27
H2 A2G B . -3.20 -2.64 3.16
HN2 A2G B . -2.45 0.14 2.46
H3 A2G B . -1.27 -0.73 4.51
HO3 A2G B . -2.79 -1.46 6.27
H4 A2G B . -0.72 -2.54 6.01
HO4 A2G B . -1.67 -4.57 5.76
H5 A2G B . 0.57 -2.47 3.91
H61 A2G B . -0.10 -5.35 4.56
H81 A2G B . -4.89 0.45 0.33
H82 A2G B . -5.58 1.00 1.84
H83 A2G B . -3.90 1.38 1.46
H62 A2G B . 1.44 -4.71 3.99
HO6 A2G B . 1.51 -3.49 5.97
C ACE A 1 7.57 5.23 0.82
O ACE A 1 7.53 5.63 1.98
CH3 ACE A 1 8.90 4.83 0.17
H1 ACE A 1 9.65 4.72 0.94
H2 ACE A 1 9.20 5.60 -0.53
H3 ACE A 1 8.78 3.89 -0.36
N PRO A 2 6.50 5.14 0.07
CA PRO A 2 5.14 5.49 0.57
C PRO A 2 4.58 4.42 1.49
N THR A 3 3.66 4.82 2.36
CA THR A 3 3.05 3.88 3.30
C THR A 3 1.82 3.23 2.68
N THR A 4 2.04 2.43 1.65
CA THR A 4 0.94 1.74 0.97
C THR A 4 1.42 0.43 0.37
N THR A 5 0.51 -0.53 0.26
CA THR A 5 0.85 -1.83 -0.30
C THR A 5 -0.35 -2.45 -1.00
N PRO A 6 -0.12 -3.39 -1.88
CA PRO A 6 -1.19 -4.07 -2.66
C PRO A 6 -2.38 -4.45 -1.77
N LEU A 7 -3.36 -3.57 -1.70
CA LEU A 7 -4.56 -3.84 -0.90
C LEU A 7 -5.68 -2.87 -1.27
N LYS A 8 -5.37 -1.58 -1.24
CA LYS A 8 -6.36 -0.56 -1.57
C LYS A 8 -6.53 -0.45 -3.08
N NH2 A 9 -6.09 -1.41 -3.85
HN1 NH2 A 9 -6.19 -2.35 -3.57
HN2 NH2 A 9 -5.65 -1.19 -4.70
O5 A2G B . 0.32 -4.57 2.78
C1 A2G B . -0.27 -3.37 2.33
C2 A2G B . -1.15 -2.82 3.45
N2 A2G B . -1.82 -1.61 3.00
C3 A2G B . -0.28 -2.52 4.68
O3 A2G B . -1.12 -2.19 5.77
C4 A2G B . 0.54 -3.76 5.02
O4 A2G B . -0.31 -4.79 5.51
C5 A2G B . 1.27 -4.25 3.77
C6 A2G B . 2.08 -5.52 4.11
O6 A2G B . 2.86 -5.29 5.27
C7 A2G B . -3.14 -1.55 2.88
O7 A2G B . -3.88 -2.51 3.13
C8 A2G B . -3.73 -0.20 2.47
H1 A2G B . -0.88 -3.58 1.46
H2 A2G B . -1.90 -3.56 3.71
HN2 A2G B . -1.28 -0.81 2.80
H3 A2G B . 0.37 -1.70 4.46
HO3 A2G B . -0.57 -2.19 6.57
H4 A2G B . 1.26 -3.51 5.79
HO4 A2G B . -0.07 -4.98 6.42
H5 A2G B . 1.95 -3.49 3.41
H61 A2G B . 1.39 -6.34 4.28
H81 A2G B . -4.24 -0.30 1.53
H82 A2G B . -4.43 0.12 3.23
H83 A2G B . -2.94 0.52 2.37
H62 A2G B . 2.72 -5.76 3.27
HO6 A2G B . 2.92 -4.34 5.40
C ACE A 1 7.05 4.90 1.88
O ACE A 1 6.20 5.73 1.53
CH3 ACE A 1 8.36 5.36 2.51
H1 ACE A 1 8.49 6.42 2.35
H2 ACE A 1 9.19 4.83 2.05
H3 ACE A 1 8.34 5.15 3.57
N PRO A 2 6.88 3.62 1.72
CA PRO A 2 5.66 3.03 1.12
C PRO A 2 4.39 3.68 1.66
N THR A 3 3.64 4.34 0.77
CA THR A 3 2.41 5.01 1.18
C THR A 3 1.23 4.04 1.06
N THR A 4 1.41 2.98 0.29
CA THR A 4 0.35 1.99 0.11
C THR A 4 0.95 0.61 -0.17
N THR A 5 0.15 -0.43 0.03
CA THR A 5 0.61 -1.79 -0.20
C THR A 5 -0.55 -2.68 -0.65
N PRO A 6 -0.24 -3.77 -1.30
CA PRO A 6 -1.26 -4.72 -1.81
C PRO A 6 -2.34 -5.01 -0.76
N LEU A 7 -3.21 -4.04 -0.54
CA LEU A 7 -4.29 -4.20 0.43
C LEU A 7 -5.31 -3.07 0.30
N LYS A 8 -5.31 -2.42 -0.86
CA LYS A 8 -6.24 -1.33 -1.10
C LYS A 8 -7.62 -1.86 -1.46
N NH2 A 9 -8.20 -1.50 -2.57
HN1 NH2 A 9 -9.17 -1.41 -2.61
HN2 NH2 A 9 -7.66 -1.29 -3.35
O5 A2G B . 0.13 -3.69 3.33
C1 A2G B . -0.39 -2.54 2.69
C2 A2G B . -1.19 -1.75 3.71
N2 A2G B . -1.80 -0.58 3.08
C3 A2G B . -0.27 -1.31 4.85
O3 A2G B . -1.03 -0.73 5.89
C4 A2G B . 0.49 -2.52 5.39
O4 A2G B . -0.41 -3.38 6.06
C5 A2G B . 1.14 -3.27 4.22
C6 A2G B . 1.86 -4.52 4.75
O6 A2G B . 2.46 -4.22 6.01
C7 A2G B . -3.12 -0.45 2.98
O7 A2G B . -3.90 -1.30 3.41
C8 A2G B . -3.62 0.80 2.28
H1 A2G B . -1.04 -2.85 1.88
H2 A2G B . -1.98 -2.37 4.12
HN2 A2G B . -1.21 0.12 2.71
H3 A2G B . 0.44 -0.59 4.48
HO3 A2G B . -1.74 -1.33 6.11
H4 A2G B . 1.26 -2.20 6.08
HO4 A2G B . -0.88 -2.87 6.72
H5 A2G B . 1.85 -2.63 3.72
H61 A2G B . 1.16 -5.33 4.87
H81 A2G B . -3.96 0.55 1.28
H82 A2G B . -4.44 1.22 2.85
H83 A2G B . -2.82 1.53 2.22
H62 A2G B . 2.63 -4.81 4.05
HO6 A2G B . 1.79 -4.36 6.69
C ACE A 1 8.78 2.48 2.04
O ACE A 1 8.63 3.56 2.62
CH3 ACE A 1 9.80 1.46 2.52
H1 ACE A 1 10.47 1.93 3.21
H2 ACE A 1 10.37 1.09 1.67
H3 ACE A 1 9.30 0.64 2.99
N PRO A 2 8.08 2.17 0.98
CA PRO A 2 7.04 3.06 0.40
C PRO A 2 6.15 3.67 1.47
N THR A 3 5.42 4.73 1.09
CA THR A 3 4.54 5.40 2.04
C THR A 3 3.15 4.76 2.02
N THR A 4 3.02 3.68 1.26
CA THR A 4 1.75 2.98 1.16
C THR A 4 1.96 1.50 0.88
N THR A 5 0.87 0.77 0.68
CA THR A 5 0.95 -0.66 0.41
C THR A 5 -0.18 -1.10 -0.50
N PRO A 6 0.01 -2.19 -1.22
CA PRO A 6 -1.01 -2.73 -2.15
C PRO A 6 -2.40 -2.74 -1.53
N LEU A 7 -3.32 -1.97 -2.12
CA LEU A 7 -4.69 -1.90 -1.62
C LEU A 7 -5.43 -3.19 -1.92
N LYS A 8 -6.27 -3.62 -0.97
CA LYS A 8 -7.04 -4.84 -1.15
C LYS A 8 -8.25 -4.59 -2.05
N NH2 A 9 -9.44 -4.50 -1.52
HN1 NH2 A 9 -10.00 -5.29 -1.42
HN2 NH2 A 9 -9.76 -3.63 -1.21
O5 A2G B . -0.82 -3.16 3.06
C1 A2G B . -1.21 -1.97 2.43
C2 A2G B . -2.43 -1.41 3.16
N2 A2G B . -2.91 -0.19 2.50
C3 A2G B . -2.06 -1.11 4.62
O3 A2G B . -3.23 -0.77 5.35
C4 A2G B . -1.41 -2.35 5.24
O4 A2G B . -2.37 -3.37 5.38
C5 A2G B . -0.28 -2.84 4.32
C6 A2G B . 0.35 -4.10 4.92
O6 A2G B . 0.59 -3.91 6.31
C7 A2G B . -4.11 -0.15 1.93
O7 A2G B . -4.88 -1.10 1.91
C8 A2G B . -4.52 1.21 1.35
H1 A2G B . -1.47 -2.16 1.40
H2 A2G B . -3.22 -2.15 3.14
HN2 A2G B . -2.33 0.60 2.49
H3 A2G B . -1.37 -0.28 4.64
HO3 A2G B . -3.27 -1.33 6.12
H4 A2G B . -1.00 -2.09 6.20
HO4 A2G B . -3.22 -3.02 5.09
H5 A2G B . 0.48 -2.07 4.22
H61 A2G B . -0.31 -4.94 4.78
H81 A2G B . -4.59 1.13 0.28
H82 A2G B . -5.47 1.50 1.77
H83 A2G B . -3.78 1.95 1.60
H62 A2G B . 1.29 -4.31 4.42
HO6 A2G B . -0.05 -4.44 6.79
C ACE A 1 5.95 1.88 0.89
O ACE A 1 6.25 1.58 2.05
CH3 ACE A 1 5.78 0.82 -0.18
H1 ACE A 1 6.62 0.85 -0.86
H2 ACE A 1 4.86 1.02 -0.75
H3 ACE A 1 5.71 -0.15 0.27
N PRO A 2 5.76 3.13 0.53
CA PRO A 2 5.89 4.27 1.48
C PRO A 2 4.70 4.38 2.41
N THR A 3 3.49 4.30 1.85
CA THR A 3 2.28 4.38 2.64
C THR A 3 1.14 3.61 1.98
N THR A 4 1.50 2.73 1.05
CA THR A 4 0.51 1.93 0.34
C THR A 4 1.10 0.59 -0.07
N THR A 5 0.28 -0.45 -0.02
CA THR A 5 0.73 -1.79 -0.40
C THR A 5 -0.43 -2.61 -0.98
N PRO A 6 -0.11 -3.60 -1.74
CA PRO A 6 -1.12 -4.48 -2.40
C PRO A 6 -2.24 -4.88 -1.43
N LEU A 7 -3.08 -3.91 -1.08
CA LEU A 7 -4.18 -4.18 -0.16
C LEU A 7 -5.15 -2.99 -0.13
N LYS A 8 -5.17 -2.22 -1.21
CA LYS A 8 -6.04 -1.06 -1.30
C LYS A 8 -7.46 -1.50 -1.64
N NH2 A 9 -7.70 -2.12 -2.76
HN1 NH2 A 9 -7.99 -3.06 -2.75
HN2 NH2 A 9 -7.60 -1.65 -3.61
O5 A2G B . 0.09 -4.06 2.87
C1 A2G B . -0.39 -2.84 2.35
C2 A2G B . -1.20 -2.14 3.43
N2 A2G B . -1.75 -0.89 2.92
C3 A2G B . -0.31 -1.87 4.65
O3 A2G B . -1.10 -1.39 5.71
C4 A2G B . 0.40 -3.16 5.06
O4 A2G B . -0.57 -4.07 5.59
C5 A2G B . 1.07 -3.80 3.84
C6 A2G B . 1.73 -5.11 4.25
O6 A2G B . 2.73 -4.85 5.22
C7 A2G B . -3.06 -0.72 2.78
O7 A2G B . -3.88 -1.59 3.07
C8 A2G B . -3.50 0.61 2.17
H1 A2G B . -1.01 -3.03 1.49
H2 A2G B . -2.01 -2.78 3.72
HN2 A2G B . -1.13 -0.16 2.68
H3 A2G B . 0.43 -1.12 4.39
HO3 A2G B . -0.55 -0.85 6.28
H4 A2G B . 1.13 -2.94 5.81
HO4 A2G B . -1.20 -4.26 4.90
H5 A2G B . 1.81 -3.12 3.45
H61 A2G B . 1.00 -5.78 4.66
H81 A2G B . -4.19 0.43 1.36
H82 A2G B . -3.99 1.20 2.93
H83 A2G B . -2.64 1.14 1.80
H62 A2G B . 2.19 -5.56 3.38
HO6 A2G B . 3.11 -3.98 5.05
C ACE A 1 5.17 2.22 -1.22
O ACE A 1 5.19 1.16 -0.61
CH3 ACE A 1 4.15 2.47 -2.32
H1 ACE A 1 3.70 3.44 -2.20
H2 ACE A 1 3.37 1.72 -2.28
H3 ACE A 1 4.63 2.42 -3.29
N PRO A 2 6.00 3.19 -0.97
CA PRO A 2 7.06 3.10 0.08
C PRO A 2 6.47 3.24 1.49
N THR A 3 5.73 4.32 1.71
CA THR A 3 5.11 4.57 3.01
C THR A 3 3.74 3.91 3.09
N THR A 4 3.44 3.07 2.11
CA THR A 4 2.16 2.38 2.08
C THR A 4 2.28 1.05 1.36
N THR A 5 1.14 0.39 1.14
CA THR A 5 1.14 -0.91 0.47
C THR A 5 -0.13 -1.09 -0.34
N PRO A 6 -0.09 -1.92 -1.34
CA PRO A 6 -1.25 -2.20 -2.23
C PRO A 6 -2.55 -2.38 -1.44
N LEU A 7 -3.58 -1.65 -1.84
CA LEU A 7 -4.87 -1.74 -1.15
C LEU A 7 -5.55 -3.07 -1.48
N LYS A 8 -6.71 -3.30 -0.88
CA LYS A 8 -7.46 -4.53 -1.11
C LYS A 8 -8.20 -4.47 -2.44
N NH2 A 9 -9.48 -4.23 -2.46
HN1 NH2 A 9 -9.88 -3.78 -3.23
HN2 NH2 A 9 -10.05 -4.53 -1.72
O5 A2G B . -0.28 -4.12 2.56
C1 A2G B . -0.76 -2.81 2.29
C2 A2G B . -1.91 -2.52 3.26
N2 A2G B . -2.46 -1.20 2.98
C3 A2G B . -1.38 -2.58 4.69
O3 A2G B . -2.47 -2.48 5.59
C4 A2G B . -0.64 -3.90 4.91
O4 A2G B . -1.58 -4.98 4.88
C5 A2G B . 0.38 -4.10 3.80
C6 A2G B . 1.10 -5.45 3.99
O6 A2G B . 1.79 -5.44 5.22
C7 A2G B . -3.75 -1.04 2.73
O7 A2G B . -4.55 -1.98 2.70
C8 A2G B . -4.21 0.38 2.44
H1 A2G B . -1.12 -2.76 1.28
H2 A2G B . -2.68 -3.26 3.13
HN2 A2G B . -1.87 -0.42 2.98
H3 A2G B . -0.70 -1.76 4.86
HO3 A2G B . -2.48 -3.29 6.12
H4 A2G B . -0.15 -3.88 5.87
HO4 A2G B . -1.36 -5.55 4.15
H5 A2G B . 1.12 -3.31 3.82
H61 A2G B . 0.37 -6.25 3.99
H81 A2G B . -4.65 0.44 1.46
H82 A2G B . -4.96 0.68 3.17
H83 A2G B . -3.37 1.06 2.50
H62 A2G B . 1.80 -5.60 3.18
HO6 A2G B . 2.11 -6.33 5.38
C ACE A 1 9.03 3.98 2.42
O ACE A 1 8.88 3.68 1.24
CH3 ACE A 1 10.34 4.63 2.89
H1 ACE A 1 10.90 4.96 2.03
H2 ACE A 1 10.92 3.91 3.45
H3 ACE A 1 10.11 5.47 3.53
N PRO A 2 8.12 3.78 3.31
CA PRO A 2 6.80 3.16 3.00
C PRO A 2 5.87 4.13 2.30
N THR A 3 5.70 3.94 0.99
CA THR A 3 4.82 4.81 0.21
C THR A 3 3.38 4.28 0.23
N THR A 4 3.20 3.07 -0.30
CA THR A 4 1.87 2.47 -0.33
C THR A 4 1.98 0.94 -0.27
N THR A 5 0.83 0.28 -0.14
CA THR A 5 0.80 -1.17 -0.06
C THR A 5 -0.48 -1.72 -0.68
N PRO A 6 -0.45 -2.94 -1.12
CA PRO A 6 -1.63 -3.61 -1.75
C PRO A 6 -2.92 -3.35 -0.96
N LEU A 7 -3.75 -2.45 -1.48
CA LEU A 7 -5.01 -2.12 -0.83
C LEU A 7 -6.01 -3.27 -0.96
N LYS A 8 -7.15 -3.13 -0.31
CA LYS A 8 -8.19 -4.16 -0.37
C LYS A 8 -9.55 -3.58 0.01
N NH2 A 9 -10.55 -4.39 0.19
HN1 NH2 A 9 -11.46 -4.10 -0.08
HN2 NH2 A 9 -10.42 -5.27 0.58
O5 A2G B . -0.72 -2.73 3.35
C1 A2G B . -1.10 -1.66 2.52
C2 A2G B . -2.11 -0.80 3.26
N2 A2G B . -2.57 0.30 2.41
C3 A2G B . -1.46 -0.23 4.52
O3 A2G B . -2.43 0.41 5.32
C4 A2G B . -0.83 -1.38 5.32
O4 A2G B . -1.84 -2.21 5.86
C5 A2G B . 0.07 -2.22 4.40
C6 A2G B . 0.67 -3.38 5.18
O6 A2G B . 1.48 -2.88 6.25
C7 A2G B . -3.87 0.49 2.18
O7 A2G B . -4.74 -0.23 2.66
C8 A2G B . -4.21 1.59 1.19
H1 A2G B . -1.56 -2.04 1.62
H2 A2G B . -2.95 -1.41 3.54
HN2 A2G B . -1.92 0.90 2.00
H3 A2G B . -0.69 0.47 4.24
HO3 A2G B . -2.83 -0.25 5.91
H4 A2G B . -0.23 -0.98 6.13
HO4 A2G B . -2.15 -2.80 5.17
H5 A2G B . 0.86 -1.60 4.01
H61 A2G B . -0.13 -3.99 5.59
H81 A2G B . -3.87 1.31 0.20
H82 A2G B . -5.28 1.72 1.16
H83 A2G B . -3.74 2.51 1.48
H62 A2G B . 1.28 -3.98 4.52
HO6 A2G B . 1.33 -1.94 6.30
C ACE A 1 4.67 3.40 -0.93
O ACE A 1 4.17 2.41 -0.40
CH3 ACE A 1 4.25 3.83 -2.32
H1 ACE A 1 3.62 4.71 -2.25
H2 ACE A 1 3.69 3.04 -2.80
H3 ACE A 1 5.12 4.07 -2.91
N PRO A 2 5.57 4.12 -0.33
CA PRO A 2 6.09 3.81 1.03
C PRO A 2 4.96 3.46 2.00
N THR A 3 4.01 4.38 2.16
CA THR A 3 2.89 4.17 3.06
C THR A 3 1.75 3.47 2.32
N THR A 4 2.10 2.61 1.37
CA THR A 4 1.09 1.89 0.60
C THR A 4 1.63 0.54 0.14
N THR A 5 0.74 -0.44 0.03
CA THR A 5 1.15 -1.78 -0.41
C THR A 5 0.01 -2.46 -1.17
N PRO A 6 0.34 -3.43 -1.97
CA PRO A 6 -0.66 -4.19 -2.78
C PRO A 6 -1.89 -4.55 -1.96
N LEU A 7 -2.73 -3.56 -1.67
CA LEU A 7 -3.94 -3.79 -0.90
C LEU A 7 -4.85 -2.58 -0.96
N LYS A 8 -5.46 -2.24 0.18
CA LYS A 8 -6.35 -1.09 0.25
C LYS A 8 -6.54 -0.64 1.69
N NH2 A 9 -6.43 0.62 2.00
HN1 NH2 A 9 -5.59 1.10 1.82
HN2 NH2 A 9 -7.18 1.09 2.42
O5 A2G B . 0.07 -4.26 2.61
C1 A2G B . -0.30 -3.00 2.11
C2 A2G B . -1.23 -2.34 3.13
N2 A2G B . -1.69 -1.05 2.64
C3 A2G B . -0.49 -2.16 4.45
O3 A2G B . -1.39 -1.73 5.46
C4 A2G B . 0.13 -3.49 4.87
O4 A2G B . -0.89 -4.41 5.24
C5 A2G B . 0.94 -4.07 3.71
C6 A2G B . 1.53 -5.43 4.10
O6 A2G B . 2.37 -5.26 5.24
C7 A2G B . -2.99 -0.80 2.48
O7 A2G B . -3.87 -1.62 2.72
C8 A2G B . -3.33 0.59 1.96
H1 A2G B . -0.84 -3.13 1.17
H2 A2G B . -2.09 -2.98 3.30
HN2 A2G B . -1.04 -0.36 2.42
H3 A2G B . 0.29 -1.43 4.32
HO3 A2G B . -1.88 -0.99 5.11
H4 A2G B . 0.80 -3.34 5.72
HO4 A2G B . -0.85 -5.16 4.64
H5 A2G B . 1.74 -3.39 3.44
H61 A2G B . 0.74 -6.12 4.34
H81 A2G B . -3.88 0.50 1.03
H82 A2G B . -3.96 1.09 2.68
H83 A2G B . -2.43 1.16 1.81
H62 A2G B . 2.12 -5.82 3.29
HO6 A2G B . 3.27 -5.48 4.98
C ACE A 1 5.08 7.05 2.79
O ACE A 1 4.02 6.47 3.03
CH3 ACE A 1 5.50 8.29 3.59
H1 ACE A 1 6.30 8.02 4.26
H2 ACE A 1 4.65 8.64 4.15
H3 ACE A 1 5.83 9.05 2.91
N PRO A 2 5.90 6.65 1.86
CA PRO A 2 5.62 5.46 1.00
C PRO A 2 5.12 4.27 1.81
N THR A 3 3.87 3.89 1.57
CA THR A 3 3.27 2.77 2.29
C THR A 3 2.20 2.09 1.43
N THR A 4 2.43 2.05 0.13
CA THR A 4 1.49 1.44 -0.79
C THR A 4 1.81 -0.05 -0.97
N THR A 5 0.79 -0.89 -0.86
CA THR A 5 0.97 -2.33 -1.00
C THR A 5 -0.29 -2.97 -1.55
N PRO A 6 -0.15 -4.14 -2.14
CA PRO A 6 -1.30 -4.89 -2.73
C PRO A 6 -2.52 -4.89 -1.82
N LEU A 7 -3.16 -3.73 -1.68
CA LEU A 7 -4.34 -3.61 -0.84
C LEU A 7 -5.04 -2.28 -1.08
N LYS A 8 -5.41 -1.61 0.01
CA LYS A 8 -6.09 -0.33 -0.09
C LYS A 8 -6.00 0.43 1.23
N NH2 A 9 -6.14 -0.22 2.35
HN1 NH2 A 9 -5.34 -0.50 2.84
HN2 NH2 A 9 -7.03 -0.41 2.70
O5 A2G B . -0.35 -3.89 2.48
C1 A2G B . -0.50 -2.70 1.73
C2 A2G B . -1.25 -1.68 2.58
N2 A2G B . -1.47 -0.46 1.82
C3 A2G B . -0.42 -1.38 3.84
O3 A2G B . -1.19 -0.57 4.72
C4 A2G B . -0.05 -2.69 4.53
O4 A2G B . -1.22 -3.29 5.07
C5 A2G B . 0.58 -3.64 3.51
C6 A2G B . 0.91 -4.97 4.19
O6 A2G B . 1.56 -4.72 5.43
C7 A2G B . -2.70 -0.06 1.50
O7 A2G B . -3.71 -0.69 1.82
C8 A2G B . -2.80 1.28 0.79
H1 A2G B . -1.08 -2.91 0.84
H2 A2G B . -2.20 -2.10 2.88
HN2 A2G B . -0.70 0.08 1.54
H3 A2G B . 0.47 -0.85 3.56
HO3 A2G B . -1.52 -1.14 5.42
H4 A2G B . 0.65 -2.49 5.32
HO4 A2G B . -1.90 -2.61 5.15
H5 A2G B . 1.48 -3.20 3.11
H61 A2G B . 0.00 -5.53 4.37
H81 A2G B . -3.19 1.12 -0.21
H82 A2G B . -3.47 1.93 1.33
H83 A2G B . -1.83 1.74 0.73
H62 A2G B . 1.57 -5.55 3.56
HO6 A2G B . 0.88 -4.68 6.12
C ACE A 1 3.96 5.64 -1.14
O ACE A 1 4.54 4.66 -1.59
CH3 ACE A 1 2.64 6.11 -1.73
H1 ACE A 1 2.24 5.35 -2.37
H2 ACE A 1 2.81 7.01 -2.30
H3 ACE A 1 1.94 6.32 -0.93
N PRO A 2 4.43 6.32 -0.13
CA PRO A 2 5.71 5.98 0.55
C PRO A 2 5.56 4.76 1.47
N THR A 3 4.32 4.41 1.77
CA THR A 3 4.05 3.26 2.63
C THR A 3 2.70 2.63 2.28
N THR A 4 2.69 1.80 1.24
CA THR A 4 1.46 1.15 0.81
C THR A 4 1.78 -0.20 0.16
N THR A 5 0.76 -1.04 0.05
CA THR A 5 0.93 -2.36 -0.57
C THR A 5 -0.34 -2.80 -1.26
N PRO A 6 -0.23 -3.73 -2.18
CA PRO A 6 -1.39 -4.25 -2.95
C PRO A 6 -2.59 -4.53 -2.05
N LEU A 7 -3.34 -3.49 -1.72
CA LEU A 7 -4.52 -3.63 -0.88
C LEU A 7 -5.37 -2.37 -0.92
N LYS A 8 -4.77 -1.25 -0.55
CA LYS A 8 -5.49 0.02 -0.55
C LYS A 8 -4.51 1.19 -0.55
N NH2 A 9 -4.95 2.41 -0.37
HN1 NH2 A 9 -4.61 2.96 0.37
HN2 NH2 A 9 -5.65 2.77 -0.96
O5 A2G B . 0.07 -5.07 2.43
C1 A2G B . -0.33 -3.77 2.05
C2 A2G B . -1.08 -3.13 3.21
N2 A2G B . -1.55 -1.80 2.84
C3 A2G B . -0.15 -3.04 4.43
O3 A2G B . -0.89 -2.62 5.56
C4 A2G B . 0.47 -4.41 4.70
O4 A2G B . -0.53 -5.30 5.16
C5 A2G B . 1.08 -4.96 3.40
C6 A2G B . 1.67 -6.35 3.66
O6 A2G B . 2.47 -6.32 4.83
C7 A2G B . -2.83 -1.49 2.90
O7 A2G B . -3.70 -2.28 3.25
C8 A2G B . -3.19 -0.04 2.57
H1 A2G B . -0.98 -3.83 1.18
H2 A2G B . -1.93 -3.75 3.47
HN2 A2G B . -0.90 -1.13 2.54
H3 A2G B . 0.64 -2.32 4.22
HO3 A2G B . -1.37 -3.37 5.90
H4 A2G B . 1.24 -4.32 5.44
HO4 A2G B . -1.37 -4.83 5.17
H5 A2G B . 1.86 -4.30 3.06
H61 A2G B . 0.87 -7.06 3.80
H81 A2G B . -3.75 0.00 1.64
H82 A2G B . -3.79 0.38 3.36
H83 A2G B . -2.28 0.54 2.46
H62 A2G B . 2.27 -6.65 2.82
HO6 A2G B . 2.70 -5.41 5.01
C ACE A 1 9.02 6.27 -0.24
O ACE A 1 8.86 6.43 0.98
CH3 ACE A 1 10.39 6.47 -0.88
H1 ACE A 1 11.03 6.99 -0.19
H2 ACE A 1 10.27 7.05 -1.79
H3 ACE A 1 10.81 5.51 -1.13
N PRO A 2 8.04 5.91 -1.03
CA PRO A 2 6.64 5.67 -0.54
C PRO A 2 6.63 4.85 0.75
N THR A 3 5.46 4.77 1.38
CA THR A 3 5.31 4.01 2.61
C THR A 3 3.90 3.47 2.76
N THR A 4 3.52 2.55 1.87
CA THR A 4 2.18 1.98 1.91
C THR A 4 2.20 0.55 1.37
N THR A 5 1.02 -0.03 1.21
CA THR A 5 0.90 -1.39 0.70
C THR A 5 -0.39 -1.54 -0.11
N PRO A 6 -0.43 -2.48 -1.03
CA PRO A 6 -1.63 -2.71 -1.88
C PRO A 6 -2.90 -2.84 -1.05
N LEU A 7 -3.72 -1.79 -1.06
CA LEU A 7 -4.97 -1.80 -0.30
C LEU A 7 -5.99 -2.73 -0.96
N LYS A 8 -7.20 -2.73 -0.41
CA LYS A 8 -8.25 -3.58 -0.97
C LYS A 8 -9.63 -3.09 -0.49
N NH2 A 9 -9.74 -2.53 0.68
HN1 NH2 A 9 -10.34 -1.77 0.81
HN2 NH2 A 9 -9.25 -2.90 1.45
O5 A2G B . -0.80 -4.16 3.06
C1 A2G B . -1.15 -2.84 2.75
C2 A2G B . -2.20 -2.37 3.76
N2 A2G B . -2.61 -1.00 3.47
C3 A2G B . -1.62 -2.45 5.18
O3 A2G B . -2.65 -2.20 6.13
C4 A2G B . -1.04 -3.85 5.42
O4 A2G B . -2.09 -4.80 5.44
C5 A2G B . -0.07 -4.17 4.28
C6 A2G B . 0.52 -5.56 4.50
O6 A2G B . 1.36 -5.55 5.64
C7 A2G B . -3.90 -0.69 3.33
O7 A2G B . -4.80 -1.52 3.45
C8 A2G B . -4.21 0.79 3.13
H1 A2G B . -1.56 -2.80 1.76
H2 A2G B . -3.06 -3.02 3.70
HN2 A2G B . -1.94 -0.30 3.43
H3 A2G B . -0.84 -1.71 5.30
HO3 A2G B . -2.53 -1.31 6.46
H4 A2G B . -0.51 -3.86 6.36
HO4 A2G B . -2.92 -4.33 5.52
H5 A2G B . 0.71 -3.44 4.24
H61 A2G B . -0.27 -6.28 4.63
H81 A2G B . -4.77 0.92 2.22
H82 A2G B . -4.80 1.15 3.96
H83 A2G B . -3.29 1.35 3.07
H62 A2G B . 1.11 -5.85 3.63
HO6 A2G B . 1.96 -6.30 5.58
C ACE A 1 6.81 3.26 -1.92
O ACE A 1 7.88 2.70 -1.65
CH3 ACE A 1 5.88 2.69 -2.98
H1 ACE A 1 6.17 1.68 -3.21
H2 ACE A 1 5.93 3.29 -3.87
H3 ACE A 1 4.87 2.70 -2.60
N PRO A 2 6.45 4.36 -1.33
CA PRO A 2 7.25 5.03 -0.28
C PRO A 2 7.17 4.30 1.06
N THR A 3 5.99 4.33 1.67
CA THR A 3 5.79 3.66 2.95
C THR A 3 4.36 3.20 3.10
N THR A 4 3.88 2.40 2.15
CA THR A 4 2.52 1.90 2.19
C THR A 4 2.42 0.54 1.50
N THR A 5 1.20 0.09 1.26
CA THR A 5 0.99 -1.21 0.61
C THR A 5 -0.28 -1.17 -0.24
N PRO A 6 -0.35 -2.03 -1.22
CA PRO A 6 -1.51 -2.10 -2.15
C PRO A 6 -2.85 -2.01 -1.41
N LEU A 7 -3.82 -1.36 -2.04
CA LEU A 7 -5.14 -1.22 -1.44
C LEU A 7 -5.88 -2.55 -1.42
N LYS A 8 -7.13 -2.52 -0.98
CA LYS A 8 -7.93 -3.74 -0.92
C LYS A 8 -9.42 -3.39 -0.83
N NH2 A 9 -10.16 -3.97 0.07
HN1 NH2 A 9 -9.89 -3.95 1.02
HN2 NH2 A 9 -10.98 -4.44 -0.19
O5 A2G B . -0.99 -4.10 2.78
C1 A2G B . -1.26 -2.78 2.37
C2 A2G B . -2.43 -2.25 3.22
N2 A2G B . -2.78 -0.90 2.80
C3 A2G B . -2.02 -2.26 4.70
O3 A2G B . -3.15 -1.94 5.50
C4 A2G B . -1.49 -3.64 5.08
O4 A2G B . -2.55 -4.58 5.06
C5 A2G B . -0.41 -4.07 4.07
C6 A2G B . 0.09 -5.47 4.42
O6 A2G B . 0.75 -5.44 5.67
C7 A2G B . -4.02 -0.59 2.45
O7 A2G B . -4.93 -1.41 2.44
C8 A2G B . -4.26 0.87 2.05
H1 A2G B . -1.55 -2.77 1.34
H2 A2G B . -3.28 -2.89 3.10
HN2 A2G B . -2.08 -0.20 2.79
H3 A2G B . -1.24 -1.52 4.86
HO3 A2G B . -3.58 -1.19 5.11
H4 A2G B . -1.06 -3.60 6.07
HO4 A2G B . -2.92 -4.59 4.17
H5 A2G B . 0.41 -3.37 4.10
H61 A2G B . -0.75 -6.15 4.48
H81 A2G B . -4.67 0.90 1.05
H82 A2G B . -4.96 1.31 2.74
H83 A2G B . -3.33 1.40 2.08
H62 A2G B . 0.78 -5.81 3.66
HO6 A2G B . 0.73 -4.53 5.99
C ACE A 1 7.34 7.21 0.58
O ACE A 1 6.47 6.90 1.38
CH3 ACE A 1 8.04 8.56 0.65
H1 ACE A 1 7.50 9.21 1.32
H2 ACE A 1 8.08 9.01 -0.33
H3 ACE A 1 9.04 8.42 1.03
N PRO A 2 7.71 6.40 -0.38
CA PRO A 2 7.11 5.05 -0.59
C PRO A 2 6.97 4.29 0.72
N THR A 3 5.76 4.31 1.28
CA THR A 3 5.51 3.60 2.55
C THR A 3 4.05 3.17 2.62
N THR A 4 3.66 2.27 1.72
CA THR A 4 2.29 1.78 1.69
C THR A 4 2.25 0.36 1.14
N THR A 5 1.03 -0.19 1.01
CA THR A 5 0.86 -1.53 0.49
C THR A 5 -0.44 -1.66 -0.28
N PRO A 6 -0.52 -2.60 -1.18
CA PRO A 6 -1.73 -2.84 -2.01
C PRO A 6 -3.01 -2.78 -1.18
N LEU A 7 -3.79 -1.72 -1.34
CA LEU A 7 -5.03 -1.56 -0.61
C LEU A 7 -6.09 -2.53 -1.13
N LYS A 8 -7.22 -2.60 -0.42
CA LYS A 8 -8.30 -3.49 -0.81
C LYS A 8 -9.60 -3.07 -0.15
N NH2 A 9 -10.57 -2.58 -0.89
HN1 NH2 A 9 -10.66 -2.85 -1.83
HN2 NH2 A 9 -11.19 -1.93 -0.50
O5 A2G B . -0.89 -4.20 2.99
C1 A2G B . -1.15 -2.86 2.66
C2 A2G B . -2.12 -2.29 3.69
N2 A2G B . -2.46 -0.91 3.36
C3 A2G B . -1.47 -2.34 5.07
O3 A2G B . -2.41 -1.98 6.07
C4 A2G B . -0.95 -3.76 5.34
O4 A2G B . -2.06 -4.63 5.50
C5 A2G B . -0.10 -4.23 4.15
C6 A2G B . 0.38 -5.65 4.40
O6 A2G B . 1.03 -5.73 5.66
C7 A2G B . -3.70 -0.57 3.02
O7 A2G B . -4.64 -1.38 2.98
C8 A2G B . -3.95 0.92 2.78
H1 A2G B . -1.62 -2.81 1.67
H2 A2G B . -3.02 -2.88 3.70
HN2 A2G B . -1.77 -0.22 3.36
H3 A2G B . -0.63 -1.64 5.10
HO3 A2G B . -2.37 -2.64 6.76
H4 A2G B . -0.35 -3.77 6.24
HO4 A2G B . -1.72 -5.52 5.61
H5 A2G B . 0.75 -3.57 4.04
H61 A2G B . -0.46 -6.32 4.39
H81 A2G B . -4.34 1.06 1.77
H82 A2G B . -4.68 1.28 3.49
H83 A2G B . -3.03 1.46 2.89
H62 A2G B . 1.08 -5.94 3.62
HO6 A2G B . 1.95 -5.94 5.51
C ACE A 1 8.38 2.73 2.78
O ACE A 1 8.93 3.76 3.15
CH3 ACE A 1 8.26 1.53 3.72
H1 ACE A 1 8.95 0.76 3.41
H2 ACE A 1 7.25 1.14 3.69
H3 ACE A 1 8.49 1.84 4.73
N PRO A 2 7.87 2.60 1.59
CA PRO A 2 7.92 3.67 0.57
C PRO A 2 6.90 4.77 0.85
N THR A 3 5.62 4.43 0.78
CA THR A 3 4.56 5.40 1.03
C THR A 3 3.31 4.71 1.55
N THR A 4 2.99 3.56 0.97
CA THR A 4 1.81 2.80 1.38
C THR A 4 2.01 1.32 1.11
N THR A 5 0.91 0.60 0.91
CA THR A 5 0.96 -0.83 0.65
C THR A 5 -0.21 -1.27 -0.21
N PRO A 6 -0.06 -2.37 -0.90
CA PRO A 6 -1.13 -2.92 -1.78
C PRO A 6 -2.50 -2.89 -1.11
N LEU A 7 -3.35 -1.94 -1.54
CA LEU A 7 -4.68 -1.82 -0.97
C LEU A 7 -5.58 -2.97 -1.43
N LYS A 8 -6.79 -3.02 -0.89
CA LYS A 8 -7.72 -4.08 -1.25
C LYS A 8 -9.15 -3.68 -0.87
N NH2 A 9 -9.93 -3.15 -1.78
HN1 NH2 A 9 -9.80 -2.23 -2.07
HN2 NH2 A 9 -10.66 -3.69 -2.16
O5 A2G B . -0.78 -3.19 3.46
C1 A2G B . -1.13 -1.98 2.82
C2 A2G B . -2.27 -1.33 3.61
N2 A2G B . -2.70 -0.10 2.97
C3 A2G B . -1.80 -1.04 5.04
O3 A2G B . -2.89 -0.61 5.83
C4 A2G B . -1.19 -2.31 5.64
O4 A2G B . -2.22 -3.26 5.86
C5 A2G B . -0.15 -2.88 4.67
C6 A2G B . 0.42 -4.18 5.26
O6 A2G B . 1.18 -3.88 6.43
C7 A2G B . -3.95 0.07 2.55
O7 A2G B . -4.82 -0.79 2.70
C8 A2G B . -4.28 1.43 1.93
H1 A2G B . -1.46 -2.17 1.82
H2 A2G B . -3.11 -2.01 3.65
HN2 A2G B . -2.05 0.63 2.82
H3 A2G B . -1.04 -0.26 5.02
HO3 A2G B . -3.38 -1.39 6.10
H4 A2G B . -0.72 -2.06 6.58
HO4 A2G B . -3.04 -2.91 5.50
H5 A2G B . 0.64 -2.17 4.53
H61 A2G B . -0.38 -4.86 5.52
H81 A2G B . -4.77 1.27 0.98
H82 A2G B . -4.93 1.98 2.59
H83 A2G B . -3.37 1.98 1.79
H62 A2G B . 1.06 -4.65 4.53
HO6 A2G B . 0.58 -3.59 7.10
C ACE A 1 6.00 4.57 -1.37
O ACE A 1 6.16 3.35 -1.34
CH3 ACE A 1 4.78 5.19 -2.01
H1 ACE A 1 4.12 5.56 -1.25
H2 ACE A 1 4.26 4.45 -2.61
H3 ACE A 1 5.08 6.01 -2.65
N PRO A 2 6.88 5.39 -0.85
CA PRO A 2 8.13 4.92 -0.18
C PRO A 2 7.87 3.74 0.75
N THR A 3 6.76 3.80 1.47
CA THR A 3 6.41 2.74 2.40
C THR A 3 4.90 2.63 2.56
N THR A 4 4.25 1.97 1.61
CA THR A 4 2.81 1.81 1.65
C THR A 4 2.39 0.51 0.96
N THR A 5 1.09 0.28 0.90
CA THR A 5 0.57 -0.94 0.27
C THR A 5 -0.78 -0.67 -0.40
N PRO A 6 -1.21 -1.55 -1.25
CA PRO A 6 -2.49 -1.41 -1.99
C PRO A 6 -3.70 -1.69 -1.11
N LEU A 7 -4.82 -1.07 -1.44
CA LEU A 7 -6.04 -1.25 -0.66
C LEU A 7 -6.62 -2.64 -0.89
N LYS A 8 -6.68 -3.44 0.18
CA LYS A 8 -7.21 -4.79 0.09
C LYS A 8 -7.60 -5.32 1.46
N NH2 A 9 -7.65 -4.49 2.47
HN1 NH2 A 9 -7.51 -4.82 3.38
HN2 NH2 A 9 -7.81 -3.53 2.31
O5 A2G B . -1.29 -3.70 2.84
C1 A2G B . -1.59 -2.39 2.37
C2 A2G B . -2.60 -1.76 3.33
N2 A2G B . -2.97 -0.43 2.86
C3 A2G B . -1.97 -1.66 4.73
O3 A2G B . -2.95 -1.25 5.66
C4 A2G B . -1.43 -3.04 5.12
O4 A2G B . -2.51 -3.93 5.35
C5 A2G B . -0.53 -3.58 4.02
C6 A2G B . -0.02 -4.97 4.40
O6 A2G B . 1.08 -4.84 5.28
C7 A2G B . -4.23 -0.14 2.53
O7 A2G B . -5.14 -0.96 2.61
C8 A2G B . -4.50 1.30 2.11
H1 A2G B . -2.03 -2.45 1.38
H2 A2G B . -3.48 -2.38 3.38
HN2 A2G B . -2.28 0.27 2.79
H3 A2G B . -1.16 -0.95 4.71
HO3 A2G B . -3.75 -1.76 5.50
H4 A2G B . -0.86 -2.95 6.03
HO4 A2G B . -3.26 -3.42 5.66
H5 A2G B . 0.30 -2.92 3.86
H61 A2G B . -0.81 -5.52 4.88
H81 A2G B . -5.21 1.31 1.31
H82 A2G B . -4.89 1.85 2.96
H83 A2G B . -3.59 1.76 1.78
H62 A2G B . 0.29 -5.50 3.51
HO6 A2G B . 0.99 -4.01 5.76
C ACE A 1 5.79 1.81 3.47
O ACE A 1 5.03 2.67 3.90
CH3 ACE A 1 5.41 0.34 3.49
H1 ACE A 1 4.56 0.20 4.14
H2 ACE A 1 6.24 -0.25 3.85
H3 ACE A 1 5.15 0.01 2.49
N PRO A 2 6.96 2.12 2.95
CA PRO A 2 7.46 3.52 2.86
C PRO A 2 6.39 4.48 2.36
N THR A 3 6.01 4.33 1.10
CA THR A 3 4.98 5.19 0.51
C THR A 3 3.59 4.62 0.75
N THR A 4 3.33 3.45 0.17
CA THR A 4 2.03 2.80 0.33
C THR A 4 2.17 1.28 0.25
N THR A 5 1.04 0.60 0.17
CA THR A 5 1.05 -0.85 0.08
C THR A 5 -0.13 -1.35 -0.75
N PRO A 6 -0.01 -2.52 -1.31
CA PRO A 6 -1.07 -3.14 -2.15
C PRO A 6 -2.46 -2.99 -1.52
N LEU A 7 -3.38 -2.38 -2.26
CA LEU A 7 -4.74 -2.19 -1.76
C LEU A 7 -5.50 -3.51 -1.72
N LYS A 8 -6.22 -3.75 -0.63
CA LYS A 8 -6.99 -4.98 -0.49
C LYS A 8 -8.28 -4.91 -1.29
N NH2 A 9 -9.20 -4.06 -0.94
HN1 NH2 A 9 -9.49 -3.34 -1.57
HN2 NH2 A 9 -9.64 -4.13 -0.07
O5 A2G B . -0.79 -2.90 3.08
C1 A2G B . -1.15 -1.80 2.27
C2 A2G B . -2.35 -1.11 2.90
N2 A2G B . -2.78 0.00 2.06
C3 A2G B . -1.97 -0.61 4.30
O3 A2G B . -3.13 -0.12 4.96
C4 A2G B . -1.36 -1.75 5.10
O4 A2G B . -2.37 -2.71 5.39
C5 A2G B . -0.25 -2.41 4.29
C6 A2G B . 0.34 -3.59 5.08
O6 A2G B . 1.67 -3.27 5.47
C7 A2G B . -4.03 0.09 1.62
O7 A2G B . -4.90 -0.75 1.89
C8 A2G B . -4.34 1.26 0.69
H1 A2G B . -1.41 -2.15 1.28
H2 A2G B . -3.16 -1.82 2.99
HN2 A2G B . -2.14 0.70 1.82
H3 A2G B . -1.25 0.20 4.20
HO3 A2G B . -3.87 -0.69 4.70
H4 A2G B . -0.95 -1.37 6.02
HO4 A2G B . -2.50 -2.72 6.34
H5 A2G B . 0.53 -1.68 4.07
H61 A2G B . -0.26 -3.77 5.95
H81 A2G B . -5.30 1.09 0.22
H82 A2G B . -4.36 2.18 1.26
H83 A2G B . -3.57 1.32 -0.06
H62 A2G B . 0.36 -4.47 4.45
HO6 A2G B . 1.86 -2.36 5.20
C ACE A 1 6.38 6.34 2.66
O ACE A 1 6.68 5.56 1.77
CH3 ACE A 1 7.21 7.59 2.94
H1 ACE A 1 6.69 8.47 2.59
H2 ACE A 1 8.16 7.52 2.43
H3 ACE A 1 7.40 7.68 4.00
N PRO A 2 5.33 6.16 3.41
CA PRO A 2 4.43 4.99 3.26
C PRO A 2 4.09 4.72 1.80
N THR A 3 4.35 3.49 1.35
CA THR A 3 4.07 3.12 -0.04
C THR A 3 2.65 2.59 -0.16
N THR A 4 2.50 1.41 -0.76
CA THR A 4 1.19 0.80 -0.94
C THR A 4 1.30 -0.71 -0.95
N THR A 5 0.23 -1.38 -0.53
CA THR A 5 0.21 -2.83 -0.48
C THR A 5 -1.20 -3.36 -0.71
N PRO A 6 -1.31 -4.59 -1.12
CA PRO A 6 -2.62 -5.24 -1.40
C PRO A 6 -3.64 -4.96 -0.30
N LEU A 7 -4.09 -3.71 -0.22
CA LEU A 7 -5.07 -3.31 0.78
C LEU A 7 -5.61 -1.92 0.49
N LYS A 8 -5.60 -1.54 -0.78
CA LYS A 8 -6.09 -0.22 -1.18
C LYS A 8 -7.61 -0.21 -1.24
N NH2 A 9 -8.29 -0.76 -0.27
HN1 NH2 A 9 -7.88 -1.44 0.30
HN2 NH2 A 9 -9.23 -0.51 -0.13
O5 A2G B . -0.46 -3.83 3.42
C1 A2G B . -0.71 -2.75 2.54
C2 A2G B . -1.20 -1.56 3.38
N2 A2G B . -1.52 -0.44 2.51
C3 A2G B . -0.10 -1.16 4.36
O3 A2G B . -0.61 -0.18 5.26
C4 A2G B . 0.35 -2.39 5.15
O4 A2G B . -0.70 -2.81 6.01
C5 A2G B . 0.69 -3.52 4.18
C6 A2G B . 1.10 -4.77 4.95
O6 A2G B . 2.32 -4.53 5.63
C7 A2G B . -2.72 0.14 2.54
O7 A2G B . -3.62 -0.23 3.29
C8 A2G B . -2.91 1.35 1.63
H1 A2G B . -1.49 -3.03 1.83
H2 A2G B . -2.08 -1.84 3.92
HN2 A2G B . -0.84 -0.10 1.88
H3 A2G B . 0.74 -0.75 3.82
HO3 A2G B . -1.56 -0.12 5.13
H4 A2G B . 1.22 -2.15 5.73
HO4 A2G B . -1.35 -3.27 5.48
H5 A2G B . 1.50 -3.22 3.52
H61 A2G B . 0.33 -5.01 5.68
H81 A2G B . -3.78 1.21 1.02
H82 A2G B . -3.04 2.24 2.24
H83 A2G B . -2.04 1.47 1.01
H62 A2G B . 1.23 -5.60 4.28
HO6 A2G B . 3.04 -4.72 5.03
C ACE A 1 7.74 2.95 2.75
O ACE A 1 7.68 4.06 3.28
CH3 ACE A 1 7.81 1.68 3.59
H1 ACE A 1 8.58 1.03 3.20
H2 ACE A 1 6.86 1.17 3.56
H3 ACE A 1 8.04 1.93 4.61
N PRO A 2 7.75 2.80 1.45
CA PRO A 2 7.69 3.94 0.50
C PRO A 2 6.65 4.97 0.91
N THR A 3 5.37 4.58 0.82
CA THR A 3 4.28 5.47 1.18
C THR A 3 3.08 4.68 1.66
N THR A 4 2.81 3.55 1.00
CA THR A 4 1.69 2.70 1.37
C THR A 4 1.98 1.25 1.02
N THR A 5 0.92 0.46 0.85
CA THR A 5 1.07 -0.95 0.52
C THR A 5 -0.12 -1.44 -0.29
N PRO A 6 0.05 -2.49 -1.05
CA PRO A 6 -1.03 -3.07 -1.88
C PRO A 6 -2.37 -3.13 -1.15
N LEU A 7 -3.21 -2.13 -1.40
CA LEU A 7 -4.52 -2.07 -0.76
C LEU A 7 -5.45 -3.13 -1.32
N LYS A 8 -6.71 -3.10 -0.90
CA LYS A 8 -7.69 -4.07 -1.37
C LYS A 8 -8.20 -3.67 -2.75
N NH2 A 9 -8.95 -2.60 -2.87
HN1 NH2 A 9 -9.81 -2.65 -3.33
HN2 NH2 A 9 -8.65 -1.75 -2.48
O5 A2G B . -0.42 -3.49 3.33
C1 A2G B . -0.82 -2.25 2.79
C2 A2G B . -1.90 -1.67 3.70
N2 A2G B . -2.41 -0.42 3.14
C3 A2G B . -1.31 -1.42 5.08
O3 A2G B . -2.34 -1.04 5.99
C4 A2G B . -0.63 -2.70 5.58
O4 A2G B . -1.62 -3.68 5.86
C5 A2G B . 0.32 -3.23 4.50
C6 A2G B . 0.96 -4.54 4.97
O6 A2G B . 1.69 -4.29 6.16
C7 A2G B . -3.71 -0.25 2.89
O7 A2G B . -4.55 -1.13 3.12
C8 A2G B . -4.12 1.09 2.30
H1 A2G B . -1.23 -2.40 1.80
H2 A2G B . -2.72 -2.37 3.78
HN2 A2G B . -1.79 0.31 2.94
H3 A2G B . -0.57 -0.63 5.02
HO3 A2G B . -2.84 -1.83 6.21
H4 A2G B . -0.08 -2.49 6.48
HO4 A2G B . -2.33 -3.59 5.22
H5 A2G B . 1.08 -2.49 4.30
H61 A2G B . 0.20 -5.27 5.16
H81 A2G B . -4.58 0.94 1.34
H82 A2G B . -4.81 1.58 2.96
H83 A2G B . -3.24 1.71 2.18
H62 A2G B . 1.63 -4.90 4.21
HO6 A2G B . 1.89 -3.35 6.21
C ACE A 1 4.63 6.67 1.66
O ACE A 1 3.92 5.78 1.21
CH3 ACE A 1 4.23 7.44 2.91
H1 ACE A 1 3.19 7.24 3.14
H2 ACE A 1 4.36 8.50 2.75
H3 ACE A 1 4.84 7.13 3.75
N PRO A 2 5.76 7.02 1.10
CA PRO A 2 6.29 6.36 -0.13
C PRO A 2 6.16 4.84 -0.06
N THR A 3 6.53 4.26 1.08
CA THR A 3 6.46 2.83 1.26
C THR A 3 5.08 2.42 1.79
N THR A 4 4.40 1.56 1.05
CA THR A 4 3.07 1.10 1.45
C THR A 4 2.81 -0.32 0.91
N THR A 5 1.53 -0.63 0.72
CA THR A 5 1.16 -1.95 0.21
C THR A 5 -0.15 -1.86 -0.58
N PRO A 6 -0.38 -2.79 -1.45
CA PRO A 6 -1.60 -2.84 -2.30
C PRO A 6 -2.87 -2.55 -1.49
N LEU A 7 -3.58 -1.49 -1.86
CA LEU A 7 -4.80 -1.13 -1.16
C LEU A 7 -5.92 -2.10 -1.48
N LYS A 8 -6.68 -2.47 -0.46
CA LYS A 8 -7.78 -3.42 -0.63
C LYS A 8 -9.00 -2.71 -1.23
N NH2 A 9 -9.67 -1.86 -0.51
HN1 NH2 A 9 -10.25 -2.19 0.21
HN2 NH2 A 9 -9.61 -0.89 -0.69
O5 A2G B . -1.09 -4.24 2.72
C1 A2G B . -1.10 -2.90 2.29
C2 A2G B . -2.02 -2.10 3.21
N2 A2G B . -2.10 -0.71 2.78
C3 A2G B . -1.49 -2.18 4.65
O3 A2G B . -2.43 -1.59 5.53
C4 A2G B . -1.25 -3.64 5.03
O4 A2G B . -2.50 -4.30 5.15
C5 A2G B . -0.40 -4.31 3.94
C6 A2G B . -0.20 -5.79 4.30
O6 A2G B . 1.11 -5.96 4.82
C7 A2G B . -3.28 -0.14 2.51
O7 A2G B . -4.35 -0.72 2.62
C8 A2G B . -3.22 1.30 2.02
H1 A2G B . -1.48 -2.84 1.28
H2 A2G B . -3.02 -2.54 3.19
HN2 A2G B . -1.28 -0.20 2.68
H3 A2G B . -0.56 -1.63 4.71
HO3 A2G B . -3.15 -2.22 5.65
H4 A2G B . -0.72 -3.68 5.97
HO4 A2G B . -3.14 -3.83 4.62
H5 A2G B . 0.56 -3.82 3.87
H61 A2G B . -0.93 -6.08 5.05
H81 A2G B . -4.05 1.49 1.34
H82 A2G B . -3.29 1.97 2.86
H83 A2G B . -2.28 1.47 1.51
H62 A2G B . -0.32 -6.39 3.42
HO6 A2G B . 1.32 -6.89 4.76
C ACE A 1 5.47 5.28 2.06
O ACE A 1 5.43 4.13 2.48
CH3 ACE A 1 6.72 5.82 1.37
H1 ACE A 1 7.55 5.13 1.54
H2 ACE A 1 6.97 6.79 1.76
H3 ACE A 1 6.54 5.89 0.30
N PRO A 2 4.47 6.11 2.19
CA PRO A 2 3.19 5.73 2.85
C PRO A 2 2.70 4.35 2.40
N THR A 3 2.29 4.27 1.14
CA THR A 3 1.81 3.00 0.60
C THR A 3 2.95 2.18 0.03
N THR A 4 2.98 0.89 0.36
CA THR A 4 4.03 0.01 -0.12
C THR A 4 3.52 -1.42 -0.23
N THR A 5 2.21 -1.59 -0.13
CA THR A 5 1.60 -2.92 -0.23
C THR A 5 0.19 -2.82 -0.78
N PRO A 6 -0.32 -3.91 -1.31
CA PRO A 6 -1.68 -3.96 -1.90
C PRO A 6 -2.72 -3.27 -1.01
N LEU A 7 -2.95 -1.99 -1.28
CA LEU A 7 -3.91 -1.22 -0.51
C LEU A 7 -5.34 -1.64 -0.84
N LYS A 8 -6.32 -0.89 -0.35
CA LYS A 8 -7.71 -1.20 -0.61
C LYS A 8 -8.59 0.02 -0.36
N NH2 A 9 -8.46 0.69 0.76
HN1 NH2 A 9 -7.56 0.87 1.13
HN2 NH2 A 9 -9.25 1.00 1.25
O5 A2G B . 0.07 -3.92 3.54
C1 A2G B . 0.08 -2.77 2.71
C2 A2G B . -0.25 -1.56 3.60
N2 A2G B . -0.32 -0.35 2.78
C3 A2G B . 0.82 -1.42 4.68
O3 A2G B . 0.42 -0.42 5.60
C4 A2G B . 1.00 -2.75 5.41
O4 A2G B . -0.17 -3.03 6.17
C5 A2G B . 1.20 -3.87 4.38
C6 A2G B . 1.33 -5.21 5.11
O6 A2G B . 2.67 -5.40 5.51
C7 A2G B . -1.39 0.42 2.78
O7 A2G B . -2.40 0.18 3.45
C8 A2G B . -1.35 1.64 1.86
H1 A2G B . -0.67 -2.87 1.95
H2 A2G B . -1.21 -1.72 4.07
HN2 A2G B . 0.45 -0.11 2.22
H3 A2G B . 1.76 -1.13 4.22
HO3 A2G B . -0.47 -0.13 5.37
H4 A2G B . 1.84 -2.70 6.06
HO4 A2G B . 0.11 -3.33 7.04
H5 A2G B . 2.09 -3.68 3.81
H61 A2G B . 0.69 -5.22 5.98
H81 A2G B . -2.33 1.78 1.41
H82 A2G B . -1.07 2.51 2.42
H83 A2G B . -0.62 1.46 1.08
H62 A2G B . 1.04 -6.00 4.44
HO6 A2G B . 3.24 -4.90 4.92
C ACE A 1 7.07 7.13 0.65
O ACE A 1 7.18 6.61 1.76
CH3 ACE A 1 8.27 7.77 -0.03
H1 ACE A 1 8.59 7.14 -0.85
H2 ACE A 1 9.08 7.89 0.67
H3 ACE A 1 7.99 8.73 -0.43
N PRO A 2 5.93 7.17 0.01
CA PRO A 2 4.67 6.58 0.56
C PRO A 2 4.90 5.20 1.17
N THR A 3 3.85 4.66 1.77
CA THR A 3 3.95 3.34 2.40
C THR A 3 2.60 2.64 2.38
N THR A 4 2.41 1.73 1.42
CA THR A 4 1.16 1.00 1.30
C THR A 4 1.40 -0.38 0.69
N THR A 5 0.33 -1.16 0.56
CA THR A 5 0.44 -2.50 0.00
C THR A 5 -0.85 -2.88 -0.73
N PRO A 6 -0.76 -3.81 -1.64
CA PRO A 6 -1.93 -4.28 -2.44
C PRO A 6 -3.16 -4.50 -1.57
N LEU A 7 -3.70 -3.41 -1.04
CA LEU A 7 -4.89 -3.49 -0.19
C LEU A 7 -5.46 -2.10 0.07
N LYS A 8 -5.60 -1.32 -1.01
CA LYS A 8 -6.14 0.02 -0.87
C LYS A 8 -7.66 -0.02 -0.74
N NH2 A 9 -8.36 1.07 -0.95
HN1 NH2 A 9 -9.04 1.09 -1.65
HN2 NH2 A 9 -8.20 1.86 -0.40
O5 A2G B . -0.89 -5.09 2.85
C1 A2G B . -1.11 -3.75 2.48
C2 A2G B . -1.89 -3.06 3.60
N2 A2G B . -2.18 -1.68 3.23
C3 A2G B . -1.06 -3.10 4.88
O3 A2G B . -1.85 -2.64 5.97
C4 A2G B . -0.61 -4.54 5.16
O4 A2G B . -1.74 -5.32 5.51
C5 A2G B . 0.04 -5.11 3.91
C6 A2G B . 0.46 -6.56 4.16
O6 A2G B . 1.35 -6.62 5.27
C7 A2G B . -3.43 -1.22 3.24
O7 A2G B . -4.40 -1.91 3.54
C8 A2G B . -3.61 0.22 2.75
H1 A2G B . -1.69 -3.71 1.57
H2 A2G B . -2.82 -3.59 3.76
HN2 A2G B . -1.45 -1.08 2.98
H3 A2G B . -0.19 -2.47 4.78
HO3 A2G B . -2.77 -2.69 5.71
H4 A2G B . 0.10 -4.54 5.97
HO4 A2G B . -1.44 -6.22 5.69
H5 A2G B . 0.92 -4.53 3.65
H61 A2G B . -0.42 -7.16 4.38
H81 A2G B . -4.52 0.28 2.16
H82 A2G B . -3.68 0.87 3.60
H83 A2G B . -2.78 0.50 2.14
H62 A2G B . 0.95 -6.97 3.29
HO6 A2G B . 1.66 -5.73 5.43
C ACE A 1 4.12 4.87 4.17
O ACE A 1 3.53 5.30 3.17
CH3 ACE A 1 3.34 4.24 5.32
H1 ACE A 1 3.70 4.65 6.26
H2 ACE A 1 3.51 3.17 5.32
H3 ACE A 1 2.29 4.45 5.21
N PRO A 2 5.42 4.95 4.30
CA PRO A 2 6.30 5.54 3.26
C PRO A 2 5.93 5.07 1.86
N THR A 3 6.13 3.79 1.60
CA THR A 3 5.81 3.23 0.29
C THR A 3 4.37 2.74 0.24
N THR A 4 3.87 2.45 -0.95
CA THR A 4 2.51 1.98 -1.12
C THR A 4 2.45 0.46 -1.06
N THR A 5 1.25 -0.08 -0.85
CA THR A 5 1.07 -1.52 -0.78
C THR A 5 -0.33 -1.92 -1.23
N PRO A 6 -0.49 -3.14 -1.64
CA PRO A 6 -1.80 -3.67 -2.12
C PRO A 6 -2.95 -3.26 -1.22
N LEU A 7 -3.83 -2.41 -1.73
CA LEU A 7 -4.97 -1.94 -0.94
C LEU A 7 -6.00 -3.04 -0.79
N LYS A 8 -6.93 -2.85 0.13
CA LYS A 8 -7.98 -3.85 0.37
C LYS A 8 -9.07 -3.76 -0.70
N NH2 A 9 -9.17 -4.71 -1.59
HN1 NH2 A 9 -8.37 -5.09 -1.99
HN2 NH2 A 9 -10.06 -5.02 -1.85
O5 A2G B . -0.26 -2.93 2.81
C1 A2G B . -0.59 -1.85 1.97
C2 A2G B . -1.47 -0.87 2.75
N2 A2G B . -1.88 0.24 1.92
C3 A2G B . -0.67 -0.36 3.96
O3 A2G B . -1.53 0.39 4.81
C4 A2G B . -0.10 -1.54 4.75
O4 A2G B . -1.16 -2.26 5.36
C5 A2G B . 0.64 -2.48 3.79
C6 A2G B . 1.17 -3.69 4.56
O6 A2G B . 2.13 -3.25 5.52
C7 A2G B . -3.16 0.53 1.72
O7 A2G B . -4.06 -0.12 2.24
C8 A2G B . -3.45 1.69 0.79
H1 A2G B . -1.14 -2.20 1.11
H2 A2G B . -2.34 -1.40 3.11
HN2 A2G B . -1.19 0.79 1.48
H3 A2G B . 0.13 0.27 3.63
HO3 A2G B . -1.81 1.17 4.32
H4 A2G B . 0.58 -1.19 5.50
HO4 A2G B . -1.89 -1.64 5.52
H5 A2G B . 1.47 -1.94 3.33
H61 A2G B . 0.36 -4.18 5.06
H81 A2G B . -4.09 1.36 -0.02
H82 A2G B . -3.96 2.47 1.34
H83 A2G B . -2.53 2.08 0.39
H62 A2G B . 1.65 -4.37 3.87
HO6 A2G B . 1.78 -2.48 5.96
C ACE A 1 6.44 6.25 3.39
O ACE A 1 6.60 6.10 2.18
CH3 ACE A 1 7.07 7.43 4.13
H1 ACE A 1 7.55 7.08 5.04
H2 ACE A 1 6.30 8.15 4.39
H3 ACE A 1 7.81 7.90 3.50
N PRO A 2 5.73 5.41 4.11
CA PRO A 2 5.06 4.22 3.53
C PRO A 2 4.34 4.55 2.23
N THR A 3 4.54 3.70 1.22
CA THR A 3 3.91 3.90 -0.08
C THR A 3 2.55 3.25 -0.12
N THR A 4 2.46 2.11 -0.81
CA THR A 4 1.19 1.38 -0.91
C THR A 4 1.45 -0.11 -1.07
N THR A 5 0.46 -0.92 -0.70
CA THR A 5 0.59 -2.37 -0.80
C THR A 5 -0.78 -3.01 -1.07
N PRO A 6 -0.78 -4.19 -1.62
CA PRO A 6 -2.02 -4.93 -1.96
C PRO A 6 -3.04 -4.86 -0.83
N LEU A 7 -3.40 -3.64 -0.42
CA LEU A 7 -4.38 -3.46 0.64
C LEU A 7 -5.79 -3.73 0.12
N LYS A 8 -6.35 -2.75 -0.58
CA LYS A 8 -7.70 -2.89 -1.13
C LYS A 8 -7.67 -3.74 -2.40
N NH2 A 9 -8.11 -3.23 -3.52
HN1 NH2 A 9 -8.30 -2.27 -3.58
HN2 NH2 A 9 -8.27 -3.81 -4.29
O5 A2G B . 0.51 -3.60 3.16
C1 A2G B . 0.00 -2.52 2.42
C2 A2G B . -0.40 -1.41 3.40
N2 A2G B . -0.98 -0.29 2.67
C3 A2G B . 0.84 -0.96 4.17
O3 A2G B . 0.45 -0.07 5.21
C4 A2G B . 1.53 -2.18 4.78
O4 A2G B . 0.72 -2.72 5.80
C5 A2G B . 1.76 -3.23 3.69
C6 A2G B . 2.41 -4.47 4.30
O6 A2G B . 3.83 -4.33 4.25
C7 A2G B . -2.19 0.18 2.98
O7 A2G B . -2.88 -0.29 3.88
C8 A2G B . -2.71 1.31 2.10
H1 A2G B . -0.87 -2.83 1.86
H2 A2G B . -1.13 -1.80 4.09
HN2 A2G B . -0.47 0.13 1.95
H3 A2G B . 1.52 -0.45 3.50
HO3 A2G B . 0.63 0.83 4.91
H4 A2G B . 2.49 -1.88 5.19
HO4 A2G B . 0.28 -3.51 5.46
H5 A2G B . 2.39 -2.83 2.91
H61 A2G B . 2.10 -4.58 5.33
H81 A2G B . -3.78 1.21 1.97
H82 A2G B . -2.49 2.26 2.57
H83 A2G B . -2.23 1.27 1.14
H62 A2G B . 2.13 -5.35 3.74
HO6 A2G B . 4.17 -5.01 3.67
C ACE A 1 7.03 7.03 0.24
O ACE A 1 7.68 6.56 1.16
CH3 ACE A 1 7.71 7.59 -1.01
H1 ACE A 1 7.21 7.22 -1.89
H2 ACE A 1 8.74 7.27 -1.02
H3 ACE A 1 7.66 8.68 -0.99
N PRO A 2 5.72 7.08 0.26
CA PRO A 2 4.91 6.57 1.40
C PRO A 2 4.84 5.04 1.43
N THR A 3 4.49 4.48 2.57
CA THR A 3 4.40 3.04 2.71
C THR A 3 2.99 2.56 2.34
N THR A 4 2.91 1.73 1.30
CA THR A 4 1.63 1.21 0.84
C THR A 4 1.81 -0.16 0.20
N THR A 5 0.72 -0.93 0.16
CA THR A 5 0.77 -2.26 -0.43
C THR A 5 -0.57 -2.63 -1.05
N PRO A 6 -0.59 -3.55 -1.96
CA PRO A 6 -1.81 -3.99 -2.67
C PRO A 6 -2.97 -4.20 -1.70
N LEU A 7 -3.29 -3.17 -0.92
CA LEU A 7 -4.38 -3.26 0.03
C LEU A 7 -5.72 -3.16 -0.68
N LYS A 8 -6.12 -1.94 -1.04
CA LYS A 8 -7.37 -1.71 -1.73
C LYS A 8 -7.25 -2.06 -3.21
N NH2 A 9 -6.44 -1.36 -3.96
HN1 NH2 A 9 -5.69 -0.87 -3.56
HN2 NH2 A 9 -6.58 -1.32 -4.93
O5 A2G B . 0.14 -4.76 2.83
C1 A2G B . -0.21 -3.46 2.47
C2 A2G B . -0.66 -2.71 3.74
N2 A2G B . -1.09 -1.36 3.40
C3 A2G B . 0.51 -2.66 4.73
O3 A2G B . 0.06 -2.15 5.97
C4 A2G B . 1.06 -4.07 4.93
O4 A2G B . 0.11 -4.86 5.63
C5 A2G B . 1.35 -4.72 3.57
C6 A2G B . 1.86 -6.15 3.77
O6 A2G B . 3.24 -6.20 3.41
C7 A2G B . -2.29 -0.92 3.74
O7 A2G B . -3.12 -1.61 4.35
C8 A2G B . -2.65 0.49 3.29
H1 A2G B . -1.04 -3.48 1.77
H2 A2G B . -1.49 -3.25 4.19
HN2 A2G B . -0.48 -0.77 2.92
H3 A2G B . 1.28 -2.03 4.33
HO3 A2G B . -0.07 -1.20 5.87
H4 A2G B . 1.98 -4.03 5.50
HO4 A2G B . -0.74 -4.43 5.56
H5 A2G B . 2.08 -4.13 3.03
H61 A2G B . 1.75 -6.43 4.80
H81 A2G B . -3.72 0.58 3.19
H82 A2G B . -2.30 1.20 4.03
H83 A2G B . -2.18 0.70 2.35
H62 A2G B . 1.30 -6.82 3.14
HO6 A2G B . 3.45 -7.11 3.21
C ACE A 1 8.26 4.28 3.96
O ACE A 1 8.11 5.35 3.38
CH3 ACE A 1 8.88 4.22 5.35
H1 ACE A 1 9.63 3.43 5.38
H2 ACE A 1 8.11 4.01 6.08
H3 ACE A 1 9.35 5.17 5.58
N PRO A 2 7.90 3.15 3.43
CA PRO A 2 7.28 3.05 2.08
C PRO A 2 6.20 4.11 1.87
N THR A 3 5.76 4.25 0.62
CA THR A 3 4.73 5.23 0.29
C THR A 3 3.35 4.63 0.46
N THR A 4 3.15 3.44 -0.10
CA THR A 4 1.86 2.77 -0.02
C THR A 4 2.05 1.25 -0.06
N THR A 5 0.93 0.52 -0.01
CA THR A 5 0.98 -0.94 -0.04
C THR A 5 -0.26 -1.50 -0.74
N PRO A 6 -0.14 -2.68 -1.29
CA PRO A 6 -1.27 -3.34 -2.00
C PRO A 6 -2.58 -3.23 -1.24
N LEU A 7 -3.49 -2.41 -1.76
CA LEU A 7 -4.78 -2.20 -1.11
C LEU A 7 -5.66 -3.44 -1.27
N LYS A 8 -6.76 -3.47 -0.54
CA LYS A 8 -7.69 -4.60 -0.61
C LYS A 8 -8.57 -4.50 -1.85
N NH2 A 9 -9.71 -3.88 -1.78
HN1 NH2 A 9 -10.44 -4.12 -2.39
HN2 NH2 A 9 -9.84 -3.16 -1.13
O5 A2G B . -0.56 -2.96 3.11
C1 A2G B . -1.00 -1.82 2.41
C2 A2G B . -2.09 -1.13 3.23
N2 A2G B . -2.61 0.03 2.50
C3 A2G B . -1.52 -0.71 4.58
O3 A2G B . -2.57 -0.24 5.41
C4 A2G B . -0.84 -1.90 5.25
O4 A2G B . -1.81 -2.85 5.64
C5 A2G B . 0.15 -2.54 4.27
C6 A2G B . 0.78 -3.78 4.92
O6 A2G B . 1.22 -3.45 6.23
C7 A2G B . -3.84 0.04 2.01
O7 A2G B . -4.61 -0.92 2.11
C8 A2G B . -4.28 1.33 1.33
H1 A2G B . -1.42 -2.14 1.45
H2 A2G B . -2.91 -1.83 3.39
HN2 A2G B . -2.01 0.79 2.34
H3 A2G B . -0.80 0.09 4.43
HO3 A2G B . -2.71 0.69 5.22
H4 A2G B . -0.29 -1.56 6.12
HO4 A2G B . -2.44 -2.40 6.21
H5 A2G B . 0.91 -1.85 4.00
H61 A2G B . 0.04 -4.58 4.98
H81 A2G B . -4.54 1.12 0.30
H82 A2G B . -5.14 1.72 1.85
H83 A2G B . -3.48 2.05 1.37
H62 A2G B . 1.62 -4.12 4.32
HO6 A2G B . 1.52 -2.54 6.21
C ACE A 1 4.65 6.58 -0.41
O ACE A 1 5.28 5.63 -0.88
CH3 ACE A 1 3.56 7.28 -1.22
H1 ACE A 1 2.59 7.01 -0.83
H2 ACE A 1 3.63 6.98 -2.25
H3 ACE A 1 3.69 8.35 -1.13
N PRO A 2 4.88 7.03 0.79
CA PRO A 2 5.91 6.45 1.70
C PRO A 2 5.87 4.93 1.70
N THR A 3 4.69 4.38 1.94
CA THR A 3 4.53 2.92 1.97
C THR A 3 3.11 2.53 1.56
N THR A 4 3.01 1.64 0.59
CA THR A 4 1.71 1.18 0.11
C THR A 4 1.79 -0.25 -0.41
N THR A 5 0.73 -1.02 -0.19
CA THR A 5 0.69 -2.40 -0.64
C THR A 5 -0.73 -2.82 -0.98
N PRO A 6 -0.88 -3.83 -1.80
CA PRO A 6 -2.21 -4.34 -2.23
C PRO A 6 -3.19 -4.45 -1.07
N LEU A 7 -3.51 -3.32 -0.47
CA LEU A 7 -4.44 -3.29 0.65
C LEU A 7 -5.88 -3.47 0.15
N LYS A 8 -6.62 -2.37 0.08
CA LYS A 8 -8.00 -2.42 -0.38
C LYS A 8 -8.05 -2.51 -1.90
N NH2 A 9 -9.15 -2.92 -2.49
HN1 NH2 A 9 -9.58 -3.75 -2.20
HN2 NH2 A 9 -9.54 -2.39 -3.21
O5 A2G B . 0.14 -4.54 2.77
C1 A2G B . -0.07 -3.23 2.32
C2 A2G B . -0.42 -2.35 3.53
N2 A2G B . -0.67 -0.98 3.11
C3 A2G B . 0.75 -2.38 4.52
O3 A2G B . 0.36 -1.75 5.73
C4 A2G B . 1.15 -3.83 4.81
O4 A2G B . 0.11 -4.46 5.57
C5 A2G B . 1.33 -4.59 3.50
C6 A2G B . 1.68 -6.05 3.80
O6 A2G B . 2.79 -6.12 4.68
C7 A2G B . -1.87 -0.42 3.29
O7 A2G B . -2.81 -1.01 3.81
C8 A2G B . -2.03 1.00 2.75
H1 A2G B . -0.90 -3.20 1.63
H2 A2G B . -1.29 -2.74 4.02
HN2 A2G B . 0.04 -0.46 2.69
H3 A2G B . 1.59 -1.86 4.10
HO3 A2G B . -0.60 -1.83 5.82
H4 A2G B . 2.07 -3.84 5.38
HO4 A2G B . -0.27 -5.16 5.03
H5 A2G B . 2.14 -4.14 2.93
H61 A2G B . 0.83 -6.53 4.25
H81 A2G B . -2.80 1.01 1.98
H82 A2G B . -2.33 1.65 3.56
H83 A2G B . -1.09 1.34 2.34
H62 A2G B . 1.92 -6.55 2.87
HO6 A2G B . 3.17 -6.99 4.61
C ACE A 1 6.36 6.58 3.58
O ACE A 1 6.21 7.20 2.51
CH3 ACE A 1 5.51 6.91 4.80
H1 ACE A 1 6.15 6.97 5.67
H2 ACE A 1 4.77 6.13 4.95
H3 ACE A 1 5.02 7.86 4.64
N PRO A 2 7.23 5.61 3.70
CA PRO A 2 8.12 5.18 2.59
C PRO A 2 7.37 5.05 1.27
N THR A 3 6.34 4.20 1.25
CA THR A 3 5.55 3.99 0.05
C THR A 3 4.13 3.60 0.40
N THR A 4 3.66 2.50 -0.19
CA THR A 4 2.31 2.02 0.08
C THR A 4 2.24 0.51 -0.09
N THR A 5 1.02 -0.02 -0.07
CA THR A 5 0.82 -1.47 -0.21
C THR A 5 -0.49 -1.76 -0.92
N PRO A 6 -0.58 -2.91 -1.54
CA PRO A 6 -1.81 -3.33 -2.28
C PRO A 6 -3.08 -3.05 -1.49
N LEU A 7 -4.02 -2.37 -2.12
CA LEU A 7 -5.29 -2.04 -1.46
C LEU A 7 -6.15 -3.29 -1.31
N LYS A 8 -6.89 -3.36 -0.21
CA LYS A 8 -7.76 -4.50 0.05
C LYS A 8 -9.04 -4.39 -0.76
N NH2 A 9 -9.87 -3.41 -0.52
HN1 NH2 A 9 -10.56 -3.51 0.16
HN2 NH2 A 9 -9.81 -2.58 -1.04
O5 A2G B . -0.97 -3.40 2.88
C1 A2G B . -1.23 -2.21 2.18
C2 A2G B . -2.24 -1.39 2.98
N2 A2G B . -2.58 -0.16 2.26
C3 A2G B . -1.63 -1.04 4.34
O3 A2G B . -2.62 -0.44 5.16
C4 A2G B . -1.12 -2.32 5.01
O4 A2G B . -2.23 -3.14 5.37
C5 A2G B . -0.22 -3.08 4.03
C6 A2G B . 0.26 -4.38 4.69
O6 A2G B . 0.72 -4.11 6.00
C7 A2G B . -3.81 0.04 1.81
O7 A2G B . -4.72 -0.76 1.96
C8 A2G B . -4.03 1.33 1.02
H1 A2G B . -1.65 -2.45 1.21
H2 A2G B . -3.14 -1.97 3.13
HN2 A2G B . -1.89 0.51 2.11
H3 A2G B . -0.81 -0.35 4.21
HO3 A2G B . -2.25 -0.33 6.04
H4 A2G B . -0.56 -2.06 5.90
HO4 A2G B . -1.93 -3.75 6.04
H5 A2G B . 0.63 -2.47 3.78
H61 A2G B . -0.55 -5.08 4.73
H81 A2G B . -4.31 1.08 0.00
H82 A2G B . -4.82 1.90 1.47
H83 A2G B . -3.11 1.91 1.01
H62 A2G B . 1.07 -4.80 4.09
HO6 A2G B . 1.16 -3.25 5.99
C ACE A 1 5.47 5.89 4.13
O ACE A 1 4.67 6.70 3.66
CH3 ACE A 1 5.17 5.18 5.45
H1 ACE A 1 5.79 5.60 6.24
H2 ACE A 1 5.41 4.13 5.35
H3 ACE A 1 4.14 5.29 5.70
N PRO A 2 6.60 5.62 3.55
CA PRO A 2 7.03 6.24 2.26
C PRO A 2 6.28 5.64 1.07
N THR A 3 6.35 4.33 0.94
CA THR A 3 5.68 3.64 -0.17
C THR A 3 4.25 3.28 0.22
N THR A 4 3.75 2.18 -0.33
CA THR A 4 2.40 1.73 -0.03
C THR A 4 2.30 0.21 -0.14
N THR A 5 1.07 -0.31 -0.07
CA THR A 5 0.85 -1.74 -0.16
C THR A 5 -0.49 -2.04 -0.81
N PRO A 6 -0.62 -3.20 -1.39
CA PRO A 6 -1.88 -3.62 -2.07
C PRO A 6 -3.11 -3.30 -1.24
N LEU A 7 -3.90 -2.34 -1.72
CA LEU A 7 -5.11 -1.94 -1.02
C LEU A 7 -6.19 -3.02 -1.15
N LYS A 8 -7.13 -3.02 -0.21
CA LYS A 8 -8.21 -4.00 -0.24
C LYS A 8 -9.27 -3.61 -1.25
N NH2 A 9 -10.28 -4.41 -1.47
HN1 NH2 A 9 -10.55 -4.62 -2.39
HN2 NH2 A 9 -10.77 -4.80 -0.72
O5 A2G B . -0.86 -3.53 3.07
C1 A2G B . -1.12 -2.35 2.34
C2 A2G B . -2.07 -1.47 3.17
N2 A2G B . -2.39 -0.26 2.43
C3 A2G B . -1.40 -1.12 4.50
O3 A2G B . -2.36 -0.48 5.35
C4 A2G B . -0.89 -2.40 5.18
O4 A2G B . -1.99 -3.17 5.61
C5 A2G B . -0.06 -3.20 4.18
C6 A2G B . 0.42 -4.50 4.84
O6 A2G B . 1.34 -4.21 5.88
C7 A2G B . -3.66 0.07 2.17
O7 A2G B . -4.61 -0.62 2.52
C8 A2G B . -3.87 1.40 1.45
H1 A2G B . -1.59 -2.60 1.41
H2 A2G B . -2.97 -2.03 3.37
HN2 A2G B . -1.66 0.33 2.13
H3 A2G B . -0.58 -0.44 4.33
HO3 A2G B . -2.44 -1.02 6.14
H4 A2G B . -0.28 -2.13 6.03
HO4 A2G B . -2.80 -2.75 5.29
H5 A2G B . 0.81 -2.63 3.87
H61 A2G B . -0.44 -5.02 5.25
H81 A2G B . -4.51 1.24 0.60
H82 A2G B . -4.34 2.10 2.12
H83 A2G B . -2.92 1.79 1.12
H62 A2G B . 0.89 -5.13 4.10
HO6 A2G B . 1.33 -3.26 6.01
C ACE A 1 6.44 7.18 3.33
O ACE A 1 6.71 8.00 2.46
CH3 ACE A 1 5.42 7.52 4.42
H1 ACE A 1 4.86 8.40 4.14
H2 ACE A 1 5.94 7.70 5.36
H3 ACE A 1 4.74 6.69 4.55
N PRO A 2 6.99 6.00 3.37
CA PRO A 2 7.98 5.53 2.38
C PRO A 2 7.34 5.17 1.04
N THR A 3 6.34 4.30 1.10
CA THR A 3 5.65 3.87 -0.11
C THR A 3 4.20 3.50 0.20
N THR A 4 3.76 2.37 -0.34
CA THR A 4 2.40 1.90 -0.11
C THR A 4 2.33 0.38 -0.19
N THR A 5 1.13 -0.16 -0.06
CA THR A 5 0.94 -1.62 -0.11
C THR A 5 -0.42 -1.96 -0.71
N PRO A 6 -0.53 -3.14 -1.27
CA PRO A 6 -1.80 -3.61 -1.89
C PRO A 6 -3.02 -3.29 -1.03
N LEU A 7 -3.79 -2.29 -1.47
CA LEU A 7 -4.99 -1.90 -0.73
C LEU A 7 -6.08 -2.94 -0.89
N LYS A 8 -7.18 -2.77 -0.15
CA LYS A 8 -8.29 -3.70 -0.22
C LYS A 8 -9.56 -3.06 0.34
N NH2 A 9 -10.68 -3.17 -0.32
HN1 NH2 A 9 -11.52 -3.31 0.16
HN2 NH2 A 9 -10.68 -3.10 -1.30
O5 A2G B . -0.62 -3.34 3.21
C1 A2G B . -0.92 -2.17 2.49
C2 A2G B . -1.83 -1.29 3.35
N2 A2G B . -2.20 -0.08 2.62
C3 A2G B . -1.10 -0.92 4.64
O3 A2G B . -2.00 -0.28 5.53
C4 A2G B . -0.55 -2.18 5.30
O4 A2G B . -1.62 -2.96 5.80
C5 A2G B . 0.24 -3.00 4.28
C6 A2G B . 0.75 -4.29 4.92
O6 A2G B . 1.51 -3.96 6.09
C7 A2G B . -3.48 0.20 2.37
O7 A2G B . -4.41 -0.52 2.72
C8 A2G B . -3.74 1.53 1.67
H1 A2G B . -1.45 -2.43 1.57
H2 A2G B . -2.72 -1.85 3.59
HN2 A2G B . -1.50 0.52 2.30
H3 A2G B . -0.28 -0.24 4.41
HO3 A2G B . -2.48 0.40 5.04
H4 A2G B . 0.10 -1.90 6.11
HO4 A2G B . -1.95 -3.51 5.09
H5 A2G B . 1.08 -2.42 3.91
H61 A2G B . -0.09 -4.91 5.20
H81 A2G B . -4.28 1.35 0.74
H82 A2G B . -4.34 2.17 2.30
H83 A2G B . -2.81 2.01 1.45
H62 A2G B . 1.38 -4.82 4.22
HO6 A2G B . 2.00 -4.75 6.33
C ACE A 1 4.94 6.82 2.38
O ACE A 1 4.17 6.23 1.62
CH3 ACE A 1 4.50 7.23 3.78
H1 ACE A 1 3.43 7.14 3.87
H2 ACE A 1 4.79 8.25 3.97
H3 ACE A 1 4.97 6.59 4.51
N PRO A 2 6.16 7.14 2.03
CA PRO A 2 6.73 6.81 0.70
C PRO A 2 6.40 5.39 0.26
N THR A 3 6.54 4.44 1.19
CA THR A 3 6.26 3.05 0.90
C THR A 3 4.79 2.74 1.17
N THR A 4 4.24 1.79 0.42
CA THR A 4 2.84 1.39 0.59
C THR A 4 2.63 -0.06 0.21
N THR A 5 1.38 -0.52 0.23
CA THR A 5 1.07 -1.90 -0.11
C THR A 5 -0.29 -2.01 -0.79
N PRO A 6 -0.48 -3.03 -1.57
CA PRO A 6 -1.76 -3.26 -2.30
C PRO A 6 -2.99 -3.06 -1.42
N LEU A 7 -3.70 -1.96 -1.63
CA LEU A 7 -4.89 -1.68 -0.83
C LEU A 7 -6.03 -2.62 -1.24
N LYS A 8 -7.04 -2.71 -0.38
CA LYS A 8 -8.18 -3.58 -0.66
C LYS A 8 -9.13 -2.92 -1.65
N NH2 A 9 -9.89 -1.92 -1.26
HN1 NH2 A 9 -10.83 -2.08 -1.05
HN2 NH2 A 9 -9.50 -1.03 -1.15
O5 A2G B . -0.72 -4.28 2.61
C1 A2G B . -0.98 -2.95 2.22
C2 A2G B . -1.92 -2.30 3.24
N2 A2G B . -2.18 -0.91 2.87
C3 A2G B . -1.30 -2.35 4.65
O3 A2G B . -2.27 -1.96 5.60
C4 A2G B . -0.83 -3.77 4.96
O4 A2G B . -1.96 -4.62 5.11
C5 A2G B . 0.04 -4.30 3.80
C6 A2G B . 0.46 -5.74 4.09
O6 A2G B . 1.23 -5.77 5.28
C7 A2G B . -3.43 -0.48 2.70
O7 A2G B . -4.41 -1.20 2.83
C8 A2G B . -3.58 1.00 2.32
H1 A2G B . -1.47 -2.96 1.26
H2 A2G B . -2.85 -2.83 3.26
HN2 A2G B . -1.43 -0.29 2.75
H3 A2G B . -0.45 -1.68 4.69
HO3 A2G B . -2.80 -1.25 5.22
H4 A2G B . -0.26 -3.78 5.87
HO4 A2G B . -2.06 -5.13 4.31
H5 A2G B . 0.91 -3.67 3.70
H61 A2G B . -0.42 -6.35 4.21
H81 A2G B . -4.08 1.07 1.37
H82 A2G B . -4.17 1.49 3.09
H83 A2G B . -2.60 1.45 2.25
H62 A2G B . 1.05 -6.11 3.27
HO6 A2G B . 1.79 -5.00 5.30
C ACE A 1 8.02 3.89 -1.04
O ACE A 1 6.81 4.09 -0.99
CH3 ACE A 1 8.80 4.09 -2.34
H1 ACE A 1 8.10 4.15 -3.16
H2 ACE A 1 9.45 3.24 -2.49
H3 ACE A 1 9.38 4.99 -2.28
N PRO A 2 8.70 3.53 0.02
CA PRO A 2 8.09 3.30 1.34
C PRO A 2 7.11 4.41 1.72
N THR A 3 5.81 4.12 1.57
CA THR A 3 4.79 5.10 1.89
C THR A 3 3.50 4.39 2.33
N THR A 4 3.13 3.35 1.59
CA THR A 4 1.91 2.60 1.92
C THR A 4 2.04 1.15 1.46
N THR A 5 0.91 0.53 1.14
CA THR A 5 0.91 -0.86 0.70
C THR A 5 -0.27 -1.11 -0.24
N PRO A 6 -0.17 -2.12 -1.06
CA PRO A 6 -1.23 -2.50 -2.03
C PRO A 6 -2.62 -2.47 -1.38
N LEU A 7 -3.48 -1.60 -1.89
CA LEU A 7 -4.84 -1.49 -1.36
C LEU A 7 -5.68 -2.70 -1.75
N LYS A 8 -6.49 -3.18 -0.82
CA LYS A 8 -7.34 -4.33 -1.08
C LYS A 8 -8.48 -4.41 -0.08
N NH2 A 9 -9.64 -4.87 -0.45
HN1 NH2 A 9 -9.84 -4.98 -1.40
HN2 NH2 A 9 -10.33 -5.08 0.22
O5 A2G B . -1.03 -3.51 3.10
C1 A2G B . -1.31 -2.23 2.58
C2 A2G B . -2.51 -1.65 3.34
N2 A2G B . -2.86 -0.35 2.80
C3 A2G B . -2.14 -1.52 4.82
O3 A2G B . -3.29 -1.15 5.56
C4 A2G B . -1.60 -2.86 5.34
O4 A2G B . -2.66 -3.80 5.37
C5 A2G B . -0.50 -3.35 4.40
C6 A2G B . 0.01 -4.71 4.89
O6 A2G B . 0.60 -4.57 6.18
C7 A2G B . -4.08 -0.11 2.35
O7 A2G B . -4.99 -0.94 2.36
C8 A2G B . -4.35 1.32 1.87
H1 A2G B . -1.56 -2.32 1.53
H2 A2G B . -3.35 -2.31 3.24
HN2 A2G B . -2.18 0.36 2.76
H3 A2G B . -1.38 -0.75 4.94
HO3 A2G B . -3.01 -0.62 6.31
H4 A2G B . -1.20 -2.73 6.33
HO4 A2G B . -3.46 -3.37 5.08
H5 A2G B . 0.31 -2.64 4.39
H61 A2G B . -0.80 -5.41 4.95
H81 A2G B . -4.71 1.31 0.85
H82 A2G B . -5.11 1.77 2.50
H83 A2G B . -3.44 1.90 1.93
H62 A2G B . 0.76 -5.08 4.20
HO6 A2G B . 0.47 -5.39 6.66
C ACE A 1 5.15 6.25 -0.17
O ACE A 1 4.32 5.40 0.11
CH3 ACE A 1 4.88 7.73 0.07
H1 ACE A 1 5.17 8.29 -0.80
H2 ACE A 1 5.43 8.07 0.93
H3 ACE A 1 3.82 7.87 0.25
N PRO A 2 6.32 5.93 -0.67
CA PRO A 2 6.73 4.54 -0.95
C PRO A 2 6.38 3.59 0.19
N THR A 3 6.05 4.17 1.35
CA THR A 3 5.69 3.36 2.51
C THR A 3 4.20 3.07 2.52
N THR A 4 3.74 2.34 1.51
CA THR A 4 2.33 1.99 1.40
C THR A 4 2.15 0.68 0.66
N THR A 5 1.45 -0.27 1.29
CA THR A 5 1.21 -1.57 0.68
C THR A 5 -0.08 -1.56 -0.11
N PRO A 6 -0.18 -2.42 -1.09
CA PRO A 6 -1.39 -2.53 -1.96
C PRO A 6 -2.68 -2.50 -1.14
N LEU A 7 -3.42 -1.41 -1.28
CA LEU A 7 -4.68 -1.26 -0.55
C LEU A 7 -5.75 -2.19 -1.13
N LYS A 8 -6.90 -2.24 -0.46
CA LYS A 8 -7.99 -3.09 -0.92
C LYS A 8 -9.31 -2.65 -0.29
N NH2 A 9 -9.34 -2.35 0.97
HN1 NH2 A 9 -8.52 -2.35 1.50
HN2 NH2 A 9 -10.20 -2.13 1.40
O5 A2G B . -0.75 -4.34 2.85
C1 A2G B . -0.94 -2.96 2.63
C2 A2G B . -1.94 -2.44 3.66
N2 A2G B . -2.19 -1.02 3.45
C3 A2G B . -1.38 -2.67 5.07
O3 A2G B . -2.38 -2.38 6.03
C4 A2G B . -0.94 -4.13 5.21
O4 A2G B . -2.08 -4.97 5.23
C5 A2G B . -0.03 -4.51 4.05
C6 A2G B . 0.37 -5.98 4.17
O6 A2G B . 1.49 -6.09 5.03
C7 A2G B . -3.42 -0.56 3.27
O7 A2G B . -4.42 -1.29 3.26
C8 A2G B . -3.55 0.94 3.00
H1 A2G B . -1.34 -2.80 1.64
H2 A2G B . -2.87 -2.99 3.57
HN2 A2G B . -1.44 -0.40 3.45
H3 A2G B . -0.53 -2.01 5.24
HO3 A2G B . -2.85 -1.59 5.74
H4 A2G B . -0.39 -4.24 6.14
HO4 A2G B . -1.82 -5.81 5.63
H5 A2G B . 0.85 -3.89 4.04
H61 A2G B . -0.45 -6.55 4.57
H81 A2G B . -3.97 1.10 2.02
H82 A2G B . -4.21 1.38 3.74
H83 A2G B . -2.58 1.40 3.07
H62 A2G B . 0.63 -6.36 3.19
HO6 A2G B . 1.68 -5.22 5.38
C ACE A 1 7.63 4.64 -1.91
O ACE A 1 8.26 3.98 -1.08
CH3 ACE A 1 7.93 4.53 -3.39
H1 ACE A 1 8.87 4.01 -3.54
H2 ACE A 1 7.99 5.52 -3.83
H3 ACE A 1 7.14 3.97 -3.88
N PRO A 2 6.69 5.47 -1.56
CA PRO A 2 6.27 5.68 -0.13
C PRO A 2 6.15 4.37 0.63
N THR A 3 6.06 4.47 1.95
CA THR A 3 5.94 3.28 2.79
C THR A 3 4.47 2.90 2.97
N THR A 4 3.94 2.15 2.00
CA THR A 4 2.54 1.73 2.07
C THR A 4 2.35 0.39 1.36
N THR A 5 1.10 -0.03 1.22
CA THR A 5 0.80 -1.30 0.56
C THR A 5 -0.55 -1.21 -0.15
N PRO A 6 -0.74 -2.03 -1.15
CA PRO A 6 -2.01 -2.05 -1.94
C PRO A 6 -3.24 -2.01 -1.04
N LEU A 7 -4.16 -1.10 -1.36
CA LEU A 7 -5.38 -0.96 -0.57
C LEU A 7 -6.32 -2.13 -0.83
N LYS A 8 -6.35 -3.07 0.11
CA LYS A 8 -7.21 -4.24 -0.03
C LYS A 8 -7.41 -4.91 1.32
N NH2 A 9 -6.59 -4.66 2.30
HN1 NH2 A 9 -6.10 -5.39 2.72
HN2 NH2 A 9 -6.48 -3.74 2.62
O5 A2G B . -1.05 -4.18 2.77
C1 A2G B . -1.27 -2.81 2.54
C2 A2G B . -2.25 -2.30 3.61
N2 A2G B . -2.56 -0.90 3.38
C3 A2G B . -1.62 -2.49 4.99
O3 A2G B . -2.58 -2.20 5.99
C4 A2G B . -1.15 -3.94 5.14
O4 A2G B . -2.28 -4.80 5.21
C5 A2G B . -0.28 -4.32 3.94
C6 A2G B . 0.16 -5.78 4.07
O6 A2G B . 1.08 -5.90 5.14
C7 A2G B . -3.80 -0.47 3.25
O7 A2G B . -4.78 -1.23 3.32
C8 A2G B . -3.99 1.01 2.93
H1 A2G B . -1.72 -2.67 1.57
H2 A2G B . -3.16 -2.87 3.56
HN2 A2G B . -1.82 -0.25 3.33
H3 A2G B . -0.78 -1.83 5.10
HO3 A2G B . -2.36 -1.36 6.39
H4 A2G B . -0.57 -4.04 6.05
HO4 A2G B . -3.00 -4.32 5.61
H5 A2G B . 0.58 -3.68 3.90
H61 A2G B . -0.70 -6.40 4.26
H81 A2G B . -4.56 1.10 2.02
H82 A2G B . -4.50 1.49 3.74
H83 A2G B . -3.02 1.47 2.79
H62 A2G B . 0.64 -6.10 3.15
HO6 A2G B . 1.31 -6.84 5.23
#